data_9F1R
#
_entry.id   9F1R
#
_cell.length_a   1.00
_cell.length_b   1.00
_cell.length_c   1.00
_cell.angle_alpha   90.00
_cell.angle_beta   90.00
_cell.angle_gamma   90.00
#
_symmetry.space_group_name_H-M   'P 1'
#
loop_
_entity.id
_entity.type
_entity.pdbx_description
1 polymer 'Synaptic vesicle glycoprotein 2B'
2 polymer 'Botulinum neurotoxin A heavy chain'
3 branched 2-acetamido-2-deoxy-beta-D-glucopyranose-(1-4)-[beta-L-fucopyranose-(1-6)]2-acetamido-2-deoxy-beta-D-glucopyranose
4 branched alpha-D-mannopyranose-(1-6)-beta-D-mannopyranose-(1-4)-2-acetamido-2-deoxy-beta-D-glucopyranose-(1-4)-[alpha-L-fucopyranose-(1-6)]2-acetamido-2-deoxy-beta-D-glucopyranose
5 non-polymer 2-acetamido-2-deoxy-beta-D-glucopyranose
#
loop_
_entity_poly.entity_id
_entity_poly.type
_entity_poly.pdbx_seq_one_letter_code
_entity_poly.pdbx_strand_id
1 'polypeptide(L)'
;MDDYKYQDNYGGYAPSDGYYRGNESNPEEDAQSDVTEGHDEEDEIYEGEYQGIPHPDDVKAKQAKMAPSRMDSLRGQTDL
MAERLEDEEQLAHQYETIMDECGHGRFQWILFFVLGLALMADGVEVFVVSFALPSAEKDMCLSSSKKGMLGMIVYLGMMA
GAFILGGLADKLGRKRVLSMSLAVNASFASLSSFVQGYGAFLFCRLISGIGIGGALPIVFAYFSEFLSREKRGEHLSWLG
IFWMTGGLYASAMAWSIIPHYGWGFSMGTNYHFHSWRVFVIVCALPCTVSMVALKFMPESPRFLLEMGKHDEAWMILKQV
HDTNMRAKGTPEKVFTVSNIKTPKQMDEFIEIQSSTGTWYQRWLVRFKTIFKQVWDNALYCVMGPYRMNTLILAVVWFAM
AFSYYGLTVWFPDMIRYFQDEEYKSKMKVFFGEHVYGATINFTMENQIHQHGKLVNDKFTRMYFKHVLFEDTFFDECYFE
DVTSTDTYFKNCTIESTIFYNTDLYEHKFINCRFINSTFLEQKEGCHMDLEQDNDFLIYLVSFLGSLSVLPGNIISALLM
DRIGRLKMIGGSMLISAVCCFFLFFGNSESAMIGWQCLFCGTSIAAWNALDVITVELYPTNQRATAFGILNGLCKFGAIL
GNTIFASFVGITKVVPILLAAASLVGGGLIALRLPETREQVLM
;
A
2 'polypeptide(L)'
;MKKHHHHHHGSLVPRGSKNIINTSILNLRYESNHLIDLSRYASKINIGSKVNFDPIDKNQIQLFNLESSKIEVILKNAIV
YNSMYENFSTSFWIRIPKYFNSISLNNEYTIINCMENNSGWKVSLNYGEIIWTLQDTQEIKQRVVFKYSQMINISDYINR
WIFVTITNNRLNNSKIYINGRLIDQKPISNLGNIHASNNIMFKLDGCRDTHRYIWIKYFNLFDKELNEKEIKDLYDNQSN
SGILKDFWGDYLQYDKPYYMLNLYDPNKYVDVNNVGIRGYMYLKGPRGSVMTTNIYLNSSLYRGTKFIIKKYASGNKDNI
VRNNDRVYINVVVKNKEYRLATNASQAGVEKILSALEIPDVGNLSQVVVMKSKNDQGITNKCKMNLQDNNGNDIGFIGFH
QFNNIAKLVASNWYNRQIERSSRTLGCSWEFIPVDDGWGERPL
;
B
#
loop_
_chem_comp.id
_chem_comp.type
_chem_comp.name
_chem_comp.formula
BMA D-saccharide, beta linking beta-D-mannopyranose 'C6 H12 O6'
FUC L-saccharide, alpha linking alpha-L-fucopyranose 'C6 H12 O5'
FUL L-saccharide, beta linking beta-L-fucopyranose 'C6 H12 O5'
MAN D-saccharide, alpha linking alpha-D-mannopyranose 'C6 H12 O6'
NAG D-saccharide, beta linking 2-acetamido-2-deoxy-beta-D-glucopyranose 'C8 H15 N O6'
#
# COMPACT_ATOMS: atom_id res chain seq x y z
N ALA A 92 37.07 41.22 -39.68
CA ALA A 92 37.22 39.85 -39.22
C ALA A 92 38.64 39.34 -39.47
N HIS A 93 39.29 39.91 -40.49
CA HIS A 93 40.65 39.47 -40.82
C HIS A 93 41.63 39.82 -39.71
N GLN A 94 41.56 41.03 -39.17
CA GLN A 94 42.47 41.42 -38.10
C GLN A 94 42.22 40.62 -36.83
N TYR A 95 40.95 40.39 -36.49
CA TYR A 95 40.63 39.58 -35.33
C TYR A 95 41.13 38.14 -35.52
N GLU A 96 40.95 37.58 -36.71
CA GLU A 96 41.44 36.24 -36.99
C GLU A 96 42.95 36.18 -36.88
N THR A 97 43.64 37.20 -37.40
CA THR A 97 45.10 37.22 -37.34
C THR A 97 45.60 37.32 -35.89
N ILE A 98 44.98 38.18 -35.09
CA ILE A 98 45.42 38.30 -33.70
C ILE A 98 45.10 37.04 -32.91
N MET A 99 43.97 36.39 -33.21
CA MET A 99 43.67 35.12 -32.55
C MET A 99 44.66 34.04 -32.96
N ASP A 100 45.07 34.04 -34.23
CA ASP A 100 46.09 33.10 -34.68
C ASP A 100 47.42 33.35 -33.98
N GLU A 101 47.80 34.62 -33.83
CA GLU A 101 49.04 34.93 -33.12
C GLU A 101 48.96 34.55 -31.65
N CYS A 102 47.77 34.64 -31.06
CA CYS A 102 47.61 34.25 -29.65
C CYS A 102 47.97 32.78 -29.44
N GLY A 103 47.53 31.92 -30.34
CA GLY A 103 47.87 30.52 -30.27
C GLY A 103 47.09 29.77 -29.20
N HIS A 104 47.53 28.53 -28.97
CA HIS A 104 46.88 27.63 -28.01
C HIS A 104 47.79 27.42 -26.82
N GLY A 105 47.24 27.59 -25.61
CA GLY A 105 48.03 27.46 -24.40
C GLY A 105 47.23 27.19 -23.15
N ARG A 106 47.64 27.83 -22.04
CA ARG A 106 47.01 27.57 -20.75
C ARG A 106 45.54 27.99 -20.73
N PHE A 107 45.26 29.19 -21.25
CA PHE A 107 43.94 29.77 -21.06
C PHE A 107 42.86 28.97 -21.77
N GLN A 108 43.11 28.58 -23.02
CA GLN A 108 42.09 27.83 -23.74
C GLN A 108 41.86 26.47 -23.12
N TRP A 109 42.89 25.86 -22.54
CA TRP A 109 42.70 24.59 -21.85
C TRP A 109 41.86 24.75 -20.59
N ILE A 110 42.14 25.79 -19.80
CA ILE A 110 41.34 26.02 -18.60
C ILE A 110 39.88 26.26 -18.97
N LEU A 111 39.65 27.08 -20.00
CA LEU A 111 38.29 27.32 -20.45
C LEU A 111 37.65 26.04 -20.97
N PHE A 112 38.43 25.19 -21.65
CA PHE A 112 37.91 23.93 -22.16
C PHE A 112 37.43 23.05 -21.01
N PHE A 113 38.17 23.03 -19.91
CA PHE A 113 37.73 22.25 -18.75
C PHE A 113 36.45 22.84 -18.15
N VAL A 114 36.43 24.15 -17.93
CA VAL A 114 35.26 24.77 -17.31
C VAL A 114 34.04 24.76 -18.20
N LEU A 115 34.20 24.43 -19.49
CA LEU A 115 33.05 24.24 -20.37
C LEU A 115 32.67 22.76 -20.51
N GLY A 116 33.66 21.87 -20.50
CA GLY A 116 33.36 20.46 -20.41
C GLY A 116 32.59 20.11 -19.16
N LEU A 117 32.72 20.92 -18.11
CA LEU A 117 31.86 20.76 -16.95
C LEU A 117 30.38 20.92 -17.33
N ALA A 118 30.06 21.97 -18.08
CA ALA A 118 28.68 22.18 -18.50
C ALA A 118 28.21 21.08 -19.44
N LEU A 119 29.09 20.62 -20.32
CA LEU A 119 28.72 19.50 -21.20
C LEU A 119 28.46 18.23 -20.38
N MET A 120 29.24 18.00 -19.33
CA MET A 120 28.96 16.93 -18.39
C MET A 120 27.59 17.09 -17.76
N ALA A 121 27.23 18.33 -17.40
CA ALA A 121 25.91 18.57 -16.84
C ALA A 121 24.81 18.19 -17.84
N ASP A 122 25.00 18.54 -19.11
CA ASP A 122 24.03 18.15 -20.13
C ASP A 122 23.92 16.64 -20.23
N GLY A 123 25.07 15.94 -20.21
CA GLY A 123 25.04 14.49 -20.28
C GLY A 123 24.30 13.86 -19.13
N VAL A 124 24.58 14.32 -17.90
CA VAL A 124 23.90 13.77 -16.73
C VAL A 124 22.43 14.12 -16.74
N GLU A 125 22.04 15.25 -17.33
CA GLU A 125 20.61 15.53 -17.49
C GLU A 125 19.95 14.55 -18.43
N VAL A 126 20.60 14.25 -19.56
CA VAL A 126 20.03 13.26 -20.48
C VAL A 126 19.89 11.91 -19.79
N PHE A 127 20.90 11.49 -19.03
CA PHE A 127 20.80 10.23 -18.30
C PHE A 127 19.66 10.26 -17.30
N VAL A 128 19.60 11.28 -16.45
CA VAL A 128 18.62 11.32 -15.38
C VAL A 128 17.21 11.45 -15.94
N VAL A 129 17.06 11.89 -17.19
CA VAL A 129 15.75 11.94 -17.80
C VAL A 129 15.39 10.64 -18.52
N SER A 130 16.37 9.92 -19.06
CA SER A 130 16.06 8.76 -19.90
C SER A 130 16.20 7.42 -19.19
N PHE A 131 16.92 7.33 -18.08
CA PHE A 131 17.10 6.06 -17.40
C PHE A 131 16.88 6.14 -15.89
N ALA A 132 16.55 7.30 -15.34
CA ALA A 132 16.33 7.44 -13.90
C ALA A 132 14.85 7.70 -13.61
N LEU A 133 14.27 8.74 -14.18
CA LEU A 133 12.84 8.99 -14.05
C LEU A 133 12.01 7.83 -14.60
N PRO A 134 12.30 7.31 -15.81
CA PRO A 134 11.49 6.20 -16.31
C PRO A 134 11.56 4.93 -15.47
N SER A 135 12.61 4.77 -14.66
CA SER A 135 12.71 3.62 -13.76
C SER A 135 12.48 4.06 -12.32
N ALA A 136 11.71 5.13 -12.13
CA ALA A 136 11.28 5.56 -10.82
C ALA A 136 9.78 5.45 -10.62
N GLU A 137 9.00 5.43 -11.69
CA GLU A 137 7.55 5.26 -11.63
C GLU A 137 7.14 3.80 -11.72
N LYS A 138 8.09 2.89 -11.84
CA LYS A 138 7.80 1.47 -11.73
C LYS A 138 7.19 1.19 -10.36
N ASP A 139 6.22 0.30 -10.33
CA ASP A 139 5.54 0.00 -9.07
C ASP A 139 6.51 -0.69 -8.11
N MET A 140 6.57 -0.19 -6.89
CA MET A 140 7.57 -0.66 -5.93
C MET A 140 7.38 -2.14 -5.58
N CYS A 141 6.15 -2.64 -5.70
CA CYS A 141 5.78 -3.95 -5.15
C CYS A 141 5.53 -4.99 -6.23
N LEU A 142 6.26 -4.92 -7.35
CA LEU A 142 6.11 -5.91 -8.42
C LEU A 142 7.44 -6.08 -9.12
N SER A 143 7.88 -7.32 -9.25
CA SER A 143 9.08 -7.65 -10.00
C SER A 143 8.85 -7.67 -11.50
N SER A 144 7.63 -7.41 -11.95
CA SER A 144 7.29 -7.41 -13.38
C SER A 144 6.60 -6.10 -13.72
N SER A 145 7.19 -5.00 -13.28
CA SER A 145 6.68 -3.67 -13.54
C SER A 145 7.34 -3.10 -14.79
N LYS A 146 6.58 -2.29 -15.53
CA LYS A 146 7.06 -1.67 -16.75
C LYS A 146 7.43 -0.21 -16.47
N LYS A 147 8.41 0.29 -17.22
CA LYS A 147 8.89 1.65 -17.02
C LYS A 147 7.77 2.66 -17.22
N GLY A 148 7.72 3.66 -16.35
CA GLY A 148 6.77 4.73 -16.47
C GLY A 148 7.29 5.86 -17.34
N MET A 149 6.68 6.05 -18.51
CA MET A 149 7.17 7.03 -19.47
C MET A 149 6.45 8.36 -19.30
N LEU A 150 6.51 8.88 -18.08
CA LEU A 150 5.85 10.12 -17.70
C LEU A 150 6.81 11.29 -17.55
N GLY A 151 8.03 11.05 -17.08
CA GLY A 151 8.99 12.12 -16.91
C GLY A 151 9.36 12.81 -18.21
N MET A 152 9.10 12.14 -19.34
CA MET A 152 9.57 12.60 -20.65
C MET A 152 9.26 14.06 -20.92
N ILE A 153 8.27 14.61 -20.23
CA ILE A 153 7.82 15.98 -20.50
C ILE A 153 8.95 16.97 -20.24
N VAL A 154 9.89 16.63 -19.37
CA VAL A 154 11.01 17.54 -19.11
C VAL A 154 11.84 17.73 -20.38
N TYR A 155 11.97 16.68 -21.18
CA TYR A 155 12.57 16.82 -22.52
C TYR A 155 11.90 17.94 -23.29
N LEU A 156 10.56 17.95 -23.31
CA LEU A 156 9.85 19.05 -23.96
C LEU A 156 10.30 20.39 -23.40
N GLY A 157 10.42 20.49 -22.07
CA GLY A 157 10.94 21.70 -21.47
C GLY A 157 12.31 22.06 -21.99
N MET A 158 13.21 21.06 -22.10
CA MET A 158 14.51 21.32 -22.68
C MET A 158 14.39 22.03 -24.02
N MET A 159 13.42 21.58 -24.83
CA MET A 159 13.15 22.21 -26.12
C MET A 159 13.04 23.71 -25.96
N ALA A 160 12.12 24.15 -25.10
CA ALA A 160 11.91 25.58 -24.91
C ALA A 160 13.20 26.25 -24.47
N GLY A 161 13.93 25.64 -23.54
CA GLY A 161 15.18 26.22 -23.12
C GLY A 161 16.12 26.40 -24.29
N ALA A 162 16.24 25.37 -25.13
CA ALA A 162 17.16 25.44 -26.26
C ALA A 162 16.77 26.53 -27.25
N PHE A 163 15.53 27.02 -27.18
CA PHE A 163 15.14 28.14 -28.02
C PHE A 163 15.07 29.44 -27.22
N ILE A 164 14.81 29.35 -25.91
CA ILE A 164 14.67 30.56 -25.10
C ILE A 164 16.02 31.05 -24.61
N LEU A 165 16.81 30.17 -24.00
CA LEU A 165 18.16 30.49 -23.58
C LEU A 165 19.20 30.20 -24.65
N GLY A 166 18.78 29.71 -25.82
CA GLY A 166 19.71 29.42 -26.88
C GLY A 166 19.79 30.55 -27.89
N GLY A 167 18.65 31.06 -28.33
CA GLY A 167 18.64 32.18 -29.25
C GLY A 167 18.84 33.53 -28.59
N LEU A 168 18.50 33.64 -27.31
CA LEU A 168 18.64 34.92 -26.61
C LEU A 168 20.10 35.35 -26.50
N ALA A 169 21.01 34.39 -26.35
CA ALA A 169 22.40 34.73 -26.07
C ALA A 169 23.03 35.53 -27.19
N ASP A 170 22.62 35.27 -28.44
CA ASP A 170 23.18 36.01 -29.55
C ASP A 170 22.80 37.49 -29.52
N LYS A 171 21.73 37.84 -28.81
CA LYS A 171 21.30 39.22 -28.68
C LYS A 171 21.71 39.85 -27.35
N LEU A 172 22.12 39.05 -26.38
CA LEU A 172 22.43 39.55 -25.04
C LEU A 172 23.85 39.24 -24.58
N GLY A 173 24.35 38.05 -24.84
CA GLY A 173 25.68 37.69 -24.41
C GLY A 173 25.79 36.19 -24.19
N ARG A 174 27.03 35.70 -24.18
CA ARG A 174 27.29 34.28 -24.05
C ARG A 174 27.68 33.87 -22.64
N LYS A 175 28.46 34.71 -21.94
CA LYS A 175 28.81 34.39 -20.56
C LYS A 175 27.63 34.63 -19.63
N ARG A 176 26.90 35.73 -19.83
CA ARG A 176 25.77 36.02 -18.97
C ARG A 176 24.66 34.99 -19.12
N VAL A 177 24.36 34.60 -20.36
CA VAL A 177 23.27 33.65 -20.60
C VAL A 177 23.64 32.28 -20.03
N LEU A 178 24.86 31.82 -20.26
CA LEU A 178 25.29 30.55 -19.71
C LEU A 178 25.29 30.59 -18.19
N SER A 179 25.75 31.71 -17.62
CA SER A 179 25.74 31.85 -16.17
C SER A 179 24.34 31.72 -15.61
N MET A 180 23.39 32.46 -16.18
CA MET A 180 22.01 32.39 -15.71
C MET A 180 21.42 31.00 -15.89
N SER A 181 21.67 30.37 -17.04
CA SER A 181 21.08 29.07 -17.32
C SER A 181 21.59 28.01 -16.35
N LEU A 182 22.91 27.90 -16.21
CA LEU A 182 23.44 26.89 -15.30
C LEU A 182 23.11 27.22 -13.85
N ALA A 183 23.03 28.51 -13.50
CA ALA A 183 22.65 28.88 -12.14
C ALA A 183 21.24 28.43 -11.82
N VAL A 184 20.29 28.66 -12.75
CA VAL A 184 18.92 28.26 -12.49
C VAL A 184 18.81 26.74 -12.47
N ASN A 185 19.57 26.05 -13.33
CA ASN A 185 19.57 24.59 -13.31
C ASN A 185 20.02 24.09 -11.95
N ALA A 186 21.16 24.59 -11.46
CA ALA A 186 21.69 24.11 -10.18
C ALA A 186 20.75 24.44 -9.03
N SER A 187 20.23 25.67 -9.00
CA SER A 187 19.35 26.07 -7.90
C SER A 187 18.09 25.22 -7.87
N PHE A 188 17.47 25.01 -9.03
CA PHE A 188 16.21 24.28 -9.02
C PHE A 188 16.42 22.78 -8.85
N ALA A 189 17.58 22.25 -9.25
CA ALA A 189 17.89 20.87 -8.91
C ALA A 189 18.06 20.70 -7.40
N SER A 190 18.77 21.63 -6.76
CA SER A 190 18.92 21.58 -5.31
C SER A 190 17.56 21.70 -4.63
N LEU A 191 16.68 22.55 -5.16
CA LEU A 191 15.32 22.64 -4.63
C LEU A 191 14.57 21.32 -4.82
N SER A 192 14.74 20.69 -5.98
CA SER A 192 14.11 19.40 -6.24
C SER A 192 14.59 18.35 -5.25
N SER A 193 15.82 18.47 -4.76
CA SER A 193 16.31 17.53 -3.76
C SER A 193 15.44 17.56 -2.51
N PHE A 194 15.10 18.75 -2.02
CA PHE A 194 14.28 18.89 -0.83
C PHE A 194 12.82 19.10 -1.23
N VAL A 195 12.21 18.02 -1.70
CA VAL A 195 10.83 18.04 -2.17
C VAL A 195 10.13 16.77 -1.70
N GLN A 196 8.90 16.91 -1.21
CA GLN A 196 8.06 15.79 -0.83
C GLN A 196 6.92 15.68 -1.83
N GLY A 197 6.76 14.50 -2.41
CA GLY A 197 5.74 14.26 -3.42
C GLY A 197 6.34 14.19 -4.81
N TYR A 198 5.72 13.39 -5.67
CA TYR A 198 6.23 13.21 -7.01
C TYR A 198 5.91 14.38 -7.93
N GLY A 199 4.75 15.01 -7.77
CA GLY A 199 4.37 16.09 -8.68
C GLY A 199 5.30 17.28 -8.58
N ALA A 200 5.60 17.71 -7.35
CA ALA A 200 6.50 18.83 -7.16
C ALA A 200 7.90 18.50 -7.66
N PHE A 201 8.35 17.26 -7.42
CA PHE A 201 9.67 16.85 -7.91
C PHE A 201 9.72 16.87 -9.44
N LEU A 202 8.66 16.41 -10.09
CA LEU A 202 8.64 16.42 -11.55
C LEU A 202 8.59 17.84 -12.09
N PHE A 203 7.85 18.73 -11.44
CA PHE A 203 7.85 20.13 -11.87
C PHE A 203 9.22 20.74 -11.72
N CYS A 204 9.91 20.46 -10.61
CA CYS A 204 11.25 20.98 -10.40
C CYS A 204 12.22 20.42 -11.45
N ARG A 205 12.08 19.14 -11.78
CA ARG A 205 12.91 18.58 -12.83
C ARG A 205 12.61 19.23 -14.17
N LEU A 206 11.35 19.56 -14.43
CA LEU A 206 10.99 20.21 -15.68
C LEU A 206 11.63 21.59 -15.79
N ILE A 207 11.60 22.37 -14.71
CA ILE A 207 12.22 23.70 -14.80
C ILE A 207 13.74 23.57 -14.85
N SER A 208 14.31 22.56 -14.19
CA SER A 208 15.74 22.32 -14.33
C SER A 208 16.10 21.99 -15.78
N GLY A 209 15.29 21.17 -16.44
CA GLY A 209 15.49 20.91 -17.86
C GLY A 209 15.36 22.16 -18.70
N ILE A 210 14.39 23.02 -18.35
CA ILE A 210 14.29 24.33 -18.99
C ILE A 210 15.61 25.07 -18.90
N GLY A 211 16.20 25.08 -17.70
CA GLY A 211 17.45 25.81 -17.51
C GLY A 211 18.62 25.21 -18.28
N ILE A 212 18.72 23.88 -18.30
CA ILE A 212 19.92 23.26 -18.84
C ILE A 212 19.84 23.05 -20.35
N GLY A 213 18.64 22.98 -20.92
CA GLY A 213 18.53 22.74 -22.35
C GLY A 213 19.15 23.82 -23.21
N GLY A 214 19.42 24.99 -22.64
CA GLY A 214 20.08 26.06 -23.37
C GLY A 214 21.55 26.18 -23.04
N ALA A 215 22.15 25.11 -22.52
CA ALA A 215 23.56 25.15 -22.17
C ALA A 215 24.46 24.71 -23.32
N LEU A 216 24.10 23.63 -24.00
CA LEU A 216 24.95 23.10 -25.07
C LEU A 216 25.19 24.10 -26.20
N PRO A 217 24.17 24.75 -26.78
CA PRO A 217 24.47 25.74 -27.82
C PRO A 217 25.37 26.85 -27.32
N ILE A 218 25.15 27.28 -26.08
CA ILE A 218 25.94 28.41 -25.56
C ILE A 218 27.37 27.98 -25.32
N VAL A 219 27.61 26.79 -24.79
CA VAL A 219 28.98 26.37 -24.55
C VAL A 219 29.72 26.18 -25.86
N PHE A 220 29.08 25.57 -26.87
CA PHE A 220 29.78 25.39 -28.14
C PHE A 220 30.05 26.73 -28.83
N ALA A 221 29.06 27.63 -28.84
CA ALA A 221 29.29 28.94 -29.45
C ALA A 221 30.35 29.71 -28.69
N TYR A 222 30.36 29.60 -27.36
CA TYR A 222 31.38 30.24 -26.54
C TYR A 222 32.76 29.76 -26.91
N PHE A 223 32.97 28.44 -26.92
CA PHE A 223 34.31 27.94 -27.16
C PHE A 223 34.71 28.09 -28.62
N SER A 224 33.76 28.29 -29.53
CA SER A 224 34.11 28.46 -30.93
C SER A 224 34.72 29.81 -31.23
N GLU A 225 34.53 30.81 -30.37
CA GLU A 225 35.08 32.14 -30.57
C GLU A 225 36.38 32.36 -29.81
N PHE A 226 37.07 31.29 -29.42
CA PHE A 226 38.30 31.42 -28.65
C PHE A 226 39.48 30.65 -29.22
N LEU A 227 39.26 29.56 -29.95
CA LEU A 227 40.34 28.70 -30.40
C LEU A 227 40.78 29.11 -31.81
N SER A 228 42.01 28.71 -32.15
CA SER A 228 42.59 29.09 -33.42
C SER A 228 41.82 28.51 -34.59
N ARG A 229 41.81 29.24 -35.71
CA ARG A 229 41.00 28.84 -36.86
C ARG A 229 41.47 27.51 -37.44
N GLU A 230 42.79 27.35 -37.60
CA GLU A 230 43.30 26.11 -38.18
C GLU A 230 43.06 24.93 -37.25
N LYS A 231 43.42 25.07 -35.98
CA LYS A 231 43.22 24.02 -34.99
C LYS A 231 41.86 24.17 -34.30
N ARG A 232 40.81 24.27 -35.10
CA ARG A 232 39.45 24.42 -34.60
C ARG A 232 38.68 23.12 -34.53
N GLY A 233 38.84 22.25 -35.53
CA GLY A 233 38.10 21.00 -35.52
C GLY A 233 38.51 20.07 -34.39
N GLU A 234 39.81 20.01 -34.09
CA GLU A 234 40.30 19.09 -33.07
C GLU A 234 39.73 19.43 -31.71
N HIS A 235 40.03 20.62 -31.20
CA HIS A 235 39.71 20.96 -29.81
C HIS A 235 38.21 20.89 -29.57
N LEU A 236 37.41 21.45 -30.47
CA LEU A 236 35.96 21.33 -30.38
C LEU A 236 35.55 19.87 -30.24
N SER A 237 36.10 19.02 -31.12
CA SER A 237 35.83 17.59 -31.03
C SER A 237 36.14 17.05 -29.65
N TRP A 238 37.26 17.47 -29.07
CA TRP A 238 37.63 17.00 -27.74
C TRP A 238 36.53 17.33 -26.74
N LEU A 239 35.95 18.53 -26.84
CA LEU A 239 34.88 18.91 -25.91
C LEU A 239 33.78 17.87 -25.90
N GLY A 240 33.47 17.29 -27.07
CA GLY A 240 32.38 16.33 -27.15
C GLY A 240 32.54 15.20 -26.15
N ILE A 241 33.78 14.75 -25.92
CA ILE A 241 33.98 13.59 -25.06
C ILE A 241 33.43 13.87 -23.66
N PHE A 242 33.57 15.12 -23.19
CA PHE A 242 33.05 15.46 -21.86
C PHE A 242 31.56 15.12 -21.78
N TRP A 243 30.80 15.52 -22.80
CA TRP A 243 29.39 15.16 -22.88
C TRP A 243 29.20 13.68 -22.58
N MET A 244 29.86 12.83 -23.36
CA MET A 244 29.71 11.40 -23.16
C MET A 244 30.16 10.99 -21.77
N THR A 245 31.30 11.54 -21.33
CA THR A 245 31.78 11.24 -19.98
C THR A 245 30.70 11.51 -18.96
N GLY A 246 29.95 12.60 -19.15
CA GLY A 246 28.86 12.91 -18.24
C GLY A 246 27.96 11.71 -18.02
N GLY A 247 27.39 11.17 -19.11
CA GLY A 247 26.51 10.03 -18.96
C GLY A 247 27.19 8.92 -18.20
N LEU A 248 28.44 8.61 -18.58
CA LEU A 248 29.18 7.56 -17.91
C LEU A 248 29.21 7.82 -16.41
N TYR A 249 29.62 9.02 -16.01
CA TYR A 249 29.68 9.33 -14.60
C TYR A 249 28.29 9.22 -13.98
N ALA A 250 27.29 9.82 -14.65
CA ALA A 250 25.94 9.77 -14.13
C ALA A 250 25.45 8.34 -14.01
N SER A 251 25.90 7.46 -14.91
CA SER A 251 25.53 6.07 -14.78
C SER A 251 26.31 5.40 -13.65
N ALA A 252 27.62 5.66 -13.60
CA ALA A 252 28.49 4.89 -12.70
C ALA A 252 28.08 5.08 -11.25
N MET A 253 27.73 6.32 -10.89
CA MET A 253 27.30 6.61 -9.54
C MET A 253 25.87 6.13 -9.29
N ALA A 254 25.01 6.13 -10.31
CA ALA A 254 23.60 5.84 -10.10
C ALA A 254 23.39 4.45 -9.51
N TRP A 255 23.97 3.42 -10.14
CA TRP A 255 23.81 2.07 -9.62
C TRP A 255 24.42 1.93 -8.23
N SER A 256 25.34 2.82 -7.87
CA SER A 256 25.90 2.76 -6.52
C SER A 256 24.95 3.35 -5.48
N ILE A 257 24.11 4.30 -5.86
CA ILE A 257 23.28 5.04 -4.93
C ILE A 257 21.83 4.55 -4.96
N ILE A 258 21.24 4.45 -6.14
CA ILE A 258 19.83 4.12 -6.25
C ILE A 258 19.60 2.93 -7.17
N PRO A 259 20.06 1.73 -6.82
CA PRO A 259 19.70 0.53 -7.58
C PRO A 259 18.42 -0.12 -7.07
N HIS A 260 17.37 0.67 -6.91
CA HIS A 260 16.09 0.18 -6.41
C HIS A 260 14.99 1.01 -7.05
N TYR A 261 14.27 0.42 -8.00
CA TYR A 261 13.22 1.15 -8.68
C TYR A 261 12.04 1.38 -7.76
N GLY A 262 11.15 2.28 -8.18
CA GLY A 262 9.99 2.63 -7.39
C GLY A 262 10.20 3.76 -6.39
N TRP A 263 11.39 4.36 -6.36
CA TRP A 263 11.63 5.45 -5.41
C TRP A 263 10.87 6.72 -5.76
N GLY A 264 10.32 6.81 -6.96
CA GLY A 264 9.59 8.00 -7.36
C GLY A 264 8.17 8.03 -6.87
N PHE A 265 7.40 7.00 -7.21
CA PHE A 265 6.00 6.95 -6.81
C PHE A 265 5.85 6.36 -5.42
N SER A 266 6.51 6.94 -4.43
CA SER A 266 6.38 6.49 -3.05
C SER A 266 6.75 7.63 -2.12
N MET A 267 5.74 8.22 -1.48
CA MET A 267 5.92 9.26 -0.48
C MET A 267 5.46 8.87 0.91
N GLY A 268 4.83 7.70 1.06
CA GLY A 268 4.42 7.23 2.37
C GLY A 268 5.51 6.60 3.19
N THR A 269 6.72 6.51 2.65
CA THR A 269 7.84 5.93 3.37
C THR A 269 8.42 6.95 4.35
N ASN A 270 9.30 6.46 5.21
CA ASN A 270 9.93 7.29 6.24
C ASN A 270 10.87 8.30 5.59
N TYR A 271 11.46 9.15 6.43
CA TYR A 271 12.47 10.09 5.95
C TYR A 271 13.73 9.41 5.48
N HIS A 272 13.91 8.13 5.79
CA HIS A 272 14.98 7.33 5.21
C HIS A 272 14.59 6.95 3.79
N PHE A 273 15.33 6.02 3.19
CA PHE A 273 15.14 5.62 1.80
C PHE A 273 15.40 6.81 0.87
N HIS A 274 16.02 7.86 1.40
CA HIS A 274 16.31 9.09 0.69
C HIS A 274 17.54 8.97 -0.21
N SER A 275 17.86 7.77 -0.67
CA SER A 275 18.96 7.60 -1.61
C SER A 275 18.72 8.41 -2.88
N TRP A 276 17.46 8.54 -3.30
CA TRP A 276 17.16 9.41 -4.43
C TRP A 276 17.44 10.87 -4.11
N ARG A 277 17.24 11.28 -2.85
CA ARG A 277 17.51 12.66 -2.46
C ARG A 277 19.00 12.98 -2.60
N VAL A 278 19.86 12.11 -2.05
CA VAL A 278 21.29 12.36 -2.17
C VAL A 278 21.75 12.22 -3.61
N PHE A 279 21.14 11.30 -4.38
CA PHE A 279 21.48 11.18 -5.79
C PHE A 279 21.16 12.47 -6.55
N VAL A 280 19.99 13.06 -6.28
CA VAL A 280 19.64 14.31 -6.93
C VAL A 280 20.58 15.42 -6.49
N ILE A 281 20.98 15.40 -5.21
CA ILE A 281 21.92 16.41 -4.72
C ILE A 281 23.25 16.31 -5.45
N VAL A 282 23.75 15.08 -5.61
CA VAL A 282 25.10 14.90 -6.17
C VAL A 282 25.11 15.03 -7.69
N CYS A 283 23.99 14.78 -8.36
CA CYS A 283 23.95 14.97 -9.81
C CYS A 283 24.07 16.44 -10.20
N ALA A 284 23.95 17.36 -9.25
CA ALA A 284 24.14 18.78 -9.50
C ALA A 284 25.55 19.25 -9.13
N LEU A 285 26.51 18.33 -9.08
CA LEU A 285 27.89 18.66 -8.76
C LEU A 285 28.62 19.30 -9.94
N PRO A 286 28.61 18.71 -11.15
CA PRO A 286 29.33 19.35 -12.25
C PRO A 286 28.85 20.76 -12.55
N CYS A 287 27.54 21.00 -12.51
CA CYS A 287 27.04 22.35 -12.76
C CYS A 287 27.46 23.30 -11.64
N THR A 288 27.50 22.82 -10.39
CA THR A 288 27.95 23.65 -9.29
C THR A 288 29.41 24.05 -9.45
N VAL A 289 30.27 23.09 -9.81
CA VAL A 289 31.67 23.42 -10.01
C VAL A 289 31.84 24.35 -11.20
N SER A 290 31.02 24.18 -12.24
CA SER A 290 31.08 25.09 -13.38
C SER A 290 30.66 26.50 -12.98
N MET A 291 29.65 26.62 -12.11
CA MET A 291 29.25 27.93 -11.62
C MET A 291 30.35 28.57 -10.79
N VAL A 292 31.05 27.78 -9.98
CA VAL A 292 32.20 28.30 -9.25
C VAL A 292 33.27 28.78 -10.23
N ALA A 293 33.52 28.00 -11.28
CA ALA A 293 34.62 28.29 -12.20
C ALA A 293 34.34 29.48 -13.10
N LEU A 294 33.09 29.69 -13.50
CA LEU A 294 32.81 30.69 -14.53
C LEU A 294 33.02 32.13 -14.07
N LYS A 295 33.22 32.36 -12.77
CA LYS A 295 33.49 33.72 -12.32
C LYS A 295 34.82 34.24 -12.87
N PHE A 296 35.78 33.34 -13.10
CA PHE A 296 37.10 33.77 -13.57
C PHE A 296 37.18 33.92 -15.07
N MET A 297 36.43 33.12 -15.83
CA MET A 297 36.54 33.16 -17.28
C MET A 297 35.93 34.45 -17.81
N PRO A 298 36.50 35.00 -18.90
CA PRO A 298 35.99 36.26 -19.44
C PRO A 298 34.95 36.06 -20.52
N GLU A 299 34.36 37.15 -21.00
CA GLU A 299 33.31 37.07 -21.99
C GLU A 299 33.89 36.67 -23.35
N SER A 300 33.03 36.60 -24.35
CA SER A 300 33.47 36.23 -25.70
C SER A 300 34.07 37.45 -26.40
N PRO A 301 35.32 37.38 -26.85
CA PRO A 301 35.91 38.56 -27.50
C PRO A 301 35.25 38.94 -28.82
N ARG A 302 34.94 37.96 -29.66
CA ARG A 302 34.34 38.27 -30.95
C ARG A 302 32.96 38.89 -30.79
N PHE A 303 32.13 38.33 -29.91
CA PHE A 303 30.82 38.90 -29.64
C PHE A 303 30.94 40.30 -29.05
N LEU A 304 31.86 40.48 -28.10
CA LEU A 304 32.03 41.80 -27.50
C LEU A 304 32.44 42.83 -28.54
N LEU A 305 33.36 42.46 -29.44
CA LEU A 305 33.71 43.35 -30.54
C LEU A 305 32.50 43.64 -31.41
N GLU A 306 31.68 42.62 -31.67
CA GLU A 306 30.48 42.81 -32.48
C GLU A 306 29.55 43.85 -31.88
N MET A 307 29.34 43.78 -30.56
CA MET A 307 28.44 44.75 -29.93
C MET A 307 29.07 46.14 -29.89
N GLY A 308 30.33 46.24 -29.53
CA GLY A 308 31.00 47.52 -29.42
C GLY A 308 32.18 47.43 -28.45
N LYS A 309 32.45 48.54 -27.79
CA LYS A 309 33.48 48.67 -26.75
C LYS A 309 34.74 47.87 -27.13
N HIS A 310 35.32 48.24 -28.26
CA HIS A 310 36.48 47.53 -28.78
C HIS A 310 37.68 47.58 -27.84
N ASP A 311 37.72 48.55 -26.93
CA ASP A 311 38.79 48.60 -25.94
C ASP A 311 38.72 47.40 -24.99
N GLU A 312 37.51 47.01 -24.60
CA GLU A 312 37.36 45.81 -23.77
C GLU A 312 37.79 44.56 -24.51
N ALA A 313 37.47 44.48 -25.81
CA ALA A 313 37.93 43.37 -26.62
C ALA A 313 39.46 43.35 -26.69
N TRP A 314 40.07 44.53 -26.86
CA TRP A 314 41.53 44.58 -26.87
C TRP A 314 42.11 44.15 -25.52
N MET A 315 41.44 44.52 -24.43
CA MET A 315 41.91 44.11 -23.11
C MET A 315 41.87 42.61 -22.94
N ILE A 316 40.77 41.97 -23.34
CA ILE A 316 40.68 40.52 -23.18
C ILE A 316 41.66 39.82 -24.12
N LEU A 317 41.85 40.35 -25.33
CA LEU A 317 42.85 39.78 -26.22
C LEU A 317 44.24 39.88 -25.63
N LYS A 318 44.57 41.01 -25.02
CA LYS A 318 45.87 41.18 -24.38
C LYS A 318 46.05 40.23 -23.21
N GLN A 319 44.99 40.03 -22.42
CA GLN A 319 45.06 39.10 -21.30
C GLN A 319 45.29 37.67 -21.79
N VAL A 320 44.58 37.26 -22.84
CA VAL A 320 44.79 35.93 -23.41
C VAL A 320 46.21 35.78 -23.92
N HIS A 321 46.71 36.79 -24.63
CA HIS A 321 48.06 36.73 -25.16
C HIS A 321 49.09 36.65 -24.06
N ASP A 322 48.91 37.42 -22.98
CA ASP A 322 49.85 37.37 -21.86
C ASP A 322 49.83 36.01 -21.19
N THR A 323 48.64 35.43 -20.99
CA THR A 323 48.57 34.10 -20.38
C THR A 323 49.28 33.06 -21.25
N ASN A 324 49.04 33.10 -22.56
CA ASN A 324 49.67 32.14 -23.45
C ASN A 324 51.18 32.33 -23.49
N MET A 325 51.64 33.59 -23.48
CA MET A 325 53.07 33.86 -23.47
C MET A 325 53.73 33.35 -22.20
N ARG A 326 53.11 33.61 -21.04
CA ARG A 326 53.68 33.15 -19.78
C ARG A 326 53.67 31.63 -19.68
N ALA A 327 52.66 30.98 -20.26
CA ALA A 327 52.65 29.52 -20.26
C ALA A 327 53.74 28.96 -21.16
N LYS A 328 53.85 29.47 -22.39
CA LYS A 328 54.85 28.98 -23.33
C LYS A 328 56.23 29.54 -23.08
N GLY A 329 56.36 30.58 -22.26
CA GLY A 329 57.66 31.14 -21.94
C GLY A 329 58.26 31.98 -23.05
N ILE A 370 12.78 42.99 -26.73
CA ILE A 370 13.93 42.46 -27.45
C ILE A 370 13.56 41.10 -28.06
N PHE A 371 12.47 40.51 -27.56
CA PHE A 371 12.04 39.23 -28.10
C PHE A 371 11.59 39.35 -29.54
N LYS A 372 11.09 40.53 -29.94
CA LYS A 372 10.84 40.77 -31.35
C LYS A 372 12.12 40.62 -32.16
N GLN A 373 13.21 41.23 -31.67
CA GLN A 373 14.49 41.14 -32.37
C GLN A 373 14.97 39.69 -32.42
N VAL A 374 14.81 38.95 -31.32
CA VAL A 374 15.31 37.58 -31.29
C VAL A 374 14.49 36.68 -32.21
N TRP A 375 13.18 36.92 -32.30
CA TRP A 375 12.35 36.13 -33.21
C TRP A 375 12.69 36.44 -34.67
N ASP A 376 12.89 37.72 -34.98
CA ASP A 376 13.33 38.07 -36.34
C ASP A 376 14.71 37.51 -36.64
N ASN A 377 15.57 37.42 -35.62
CA ASN A 377 16.87 36.80 -35.79
C ASN A 377 16.74 35.31 -36.10
N ALA A 378 15.84 34.62 -35.38
CA ALA A 378 15.60 33.21 -35.67
C ALA A 378 15.05 33.03 -37.08
N LEU A 379 14.13 33.90 -37.50
CA LEU A 379 13.61 33.82 -38.86
C LEU A 379 14.70 34.11 -39.88
N TYR A 380 15.65 34.98 -39.54
CA TYR A 380 16.77 35.27 -40.42
C TYR A 380 17.70 34.07 -40.55
N CYS A 381 17.58 33.09 -39.66
CA CYS A 381 18.36 31.86 -39.75
C CYS A 381 17.70 30.79 -40.62
N VAL A 382 16.43 30.97 -41.00
CA VAL A 382 15.70 29.92 -41.70
C VAL A 382 15.17 30.41 -43.04
N MET A 383 14.30 31.41 -43.03
CA MET A 383 13.62 31.86 -44.24
C MET A 383 14.32 33.08 -44.84
N GLY A 384 15.62 32.92 -45.08
CA GLY A 384 16.41 33.98 -45.65
C GLY A 384 17.58 33.48 -46.46
N PRO A 385 18.70 34.18 -46.41
CA PRO A 385 19.90 33.69 -47.11
C PRO A 385 20.34 32.32 -46.61
N TYR A 386 20.20 32.09 -45.30
CA TYR A 386 20.48 30.77 -44.71
C TYR A 386 19.17 29.99 -44.75
N ARG A 387 18.90 29.37 -45.90
CA ARG A 387 17.66 28.62 -46.08
C ARG A 387 17.91 27.14 -46.31
N MET A 388 18.72 26.78 -47.31
CA MET A 388 18.96 25.37 -47.60
C MET A 388 19.88 24.74 -46.56
N ASN A 389 20.91 25.47 -46.14
CA ASN A 389 21.86 24.93 -45.18
C ASN A 389 21.18 24.58 -43.87
N THR A 390 20.34 25.47 -43.36
CA THR A 390 19.66 25.20 -42.10
C THR A 390 18.68 24.05 -42.24
N LEU A 391 18.00 23.93 -43.38
CA LEU A 391 17.09 22.82 -43.58
C LEU A 391 17.83 21.50 -43.56
N ILE A 392 18.96 21.41 -44.27
CA ILE A 392 19.74 20.18 -44.29
C ILE A 392 20.26 19.87 -42.89
N LEU A 393 20.74 20.90 -42.18
CA LEU A 393 21.27 20.68 -40.84
C LEU A 393 20.19 20.19 -39.89
N ALA A 394 18.99 20.76 -39.99
CA ALA A 394 17.88 20.31 -39.15
C ALA A 394 17.52 18.87 -39.46
N VAL A 395 17.50 18.50 -40.74
CA VAL A 395 17.19 17.12 -41.12
C VAL A 395 18.22 16.17 -40.51
N VAL A 396 19.51 16.51 -40.63
CA VAL A 396 20.55 15.63 -40.11
C VAL A 396 20.46 15.51 -38.58
N TRP A 397 20.25 16.64 -37.91
CA TRP A 397 20.15 16.61 -36.45
C TRP A 397 18.97 15.78 -36.00
N PHE A 398 17.81 15.94 -36.65
CA PHE A 398 16.65 15.14 -36.29
C PHE A 398 16.91 13.66 -36.51
N ALA A 399 17.52 13.30 -37.65
CA ALA A 399 17.76 11.89 -37.93
C ALA A 399 18.68 11.26 -36.90
N MET A 400 19.80 11.92 -36.58
CA MET A 400 20.73 11.36 -35.61
C MET A 400 20.11 11.30 -34.22
N ALA A 401 19.46 12.38 -33.78
CA ALA A 401 18.88 12.39 -32.44
C ALA A 401 17.67 11.48 -32.34
N PHE A 402 17.13 11.05 -33.48
CA PHE A 402 16.09 10.04 -33.48
C PHE A 402 16.69 8.66 -33.29
N SER A 403 17.58 8.26 -34.20
CA SER A 403 18.12 6.90 -34.16
C SER A 403 18.92 6.65 -32.88
N TYR A 404 19.81 7.58 -32.52
CA TYR A 404 20.70 7.36 -31.38
C TYR A 404 19.92 7.31 -30.08
N TYR A 405 19.06 8.31 -29.84
CA TYR A 405 18.29 8.34 -28.61
C TYR A 405 17.16 7.33 -28.58
N GLY A 406 16.88 6.67 -29.71
CA GLY A 406 16.00 5.52 -29.65
C GLY A 406 16.74 4.25 -29.29
N LEU A 407 17.88 4.00 -29.95
CA LEU A 407 18.60 2.76 -29.73
C LEU A 407 19.22 2.72 -28.33
N THR A 408 19.70 3.86 -27.83
CA THR A 408 20.36 3.88 -26.53
C THR A 408 19.42 3.43 -25.41
N VAL A 409 18.12 3.66 -25.57
CA VAL A 409 17.14 3.17 -24.62
C VAL A 409 16.55 1.84 -25.03
N TRP A 410 16.55 1.53 -26.33
CA TRP A 410 16.04 0.24 -26.79
C TRP A 410 16.90 -0.91 -26.28
N PHE A 411 18.22 -0.74 -26.29
CA PHE A 411 19.11 -1.84 -25.94
C PHE A 411 18.91 -2.37 -24.52
N PRO A 412 18.91 -1.55 -23.47
CA PRO A 412 18.62 -2.10 -22.13
C PRO A 412 17.24 -2.74 -22.04
N ASP A 413 16.24 -2.15 -22.70
CA ASP A 413 14.91 -2.76 -22.70
C ASP A 413 14.94 -4.11 -23.38
N MET A 414 15.67 -4.23 -24.49
CA MET A 414 15.75 -5.51 -25.18
C MET A 414 16.48 -6.55 -24.33
N ILE A 415 17.51 -6.13 -23.59
CA ILE A 415 18.22 -7.10 -22.76
C ILE A 415 17.33 -7.56 -21.61
N ARG A 416 16.54 -6.64 -21.04
CA ARG A 416 15.60 -7.02 -20.00
C ARG A 416 14.53 -7.96 -20.53
N TYR A 417 14.06 -7.71 -21.77
CA TYR A 417 13.07 -8.60 -22.36
C TYR A 417 13.66 -9.98 -22.63
N PHE A 418 14.92 -10.04 -23.05
CA PHE A 418 15.56 -11.34 -23.25
C PHE A 418 15.64 -12.12 -21.96
N GLN A 419 16.04 -11.45 -20.87
CA GLN A 419 16.09 -12.11 -19.57
C GLN A 419 14.69 -12.57 -19.13
N ASP A 420 13.69 -11.72 -19.36
CA ASP A 420 12.32 -12.06 -19.00
C ASP A 420 11.84 -13.28 -19.77
N GLU A 421 12.17 -13.35 -21.06
CA GLU A 421 11.78 -14.51 -21.86
C GLU A 421 12.46 -15.77 -21.37
N GLU A 422 13.75 -15.69 -21.04
CA GLU A 422 14.45 -16.85 -20.51
C GLU A 422 13.80 -17.31 -19.20
N TYR A 423 13.39 -16.36 -18.36
CA TYR A 423 12.64 -16.70 -17.16
C TYR A 423 11.33 -17.42 -17.49
N LYS A 424 10.52 -16.80 -18.35
CA LYS A 424 9.19 -17.32 -18.65
C LYS A 424 9.23 -18.69 -19.31
N SER A 425 10.34 -19.03 -19.97
CA SER A 425 10.46 -20.36 -20.55
C SER A 425 10.37 -21.44 -19.49
N LYS A 426 11.01 -21.22 -18.34
CA LYS A 426 11.04 -22.22 -17.28
C LYS A 426 9.85 -22.07 -16.33
N MET A 427 8.64 -22.09 -16.88
CA MET A 427 7.43 -22.01 -16.06
C MET A 427 6.90 -23.42 -15.82
N LYS A 428 6.67 -23.76 -14.55
CA LYS A 428 6.22 -25.09 -14.17
C LYS A 428 4.72 -25.08 -13.95
N VAL A 429 4.00 -25.86 -14.76
CA VAL A 429 2.56 -26.01 -14.66
C VAL A 429 2.25 -27.21 -13.79
N PHE A 430 1.36 -27.03 -12.83
CA PHE A 430 1.00 -28.07 -11.88
C PHE A 430 -0.50 -28.33 -11.98
N PHE A 431 -0.87 -29.60 -12.10
CA PHE A 431 -2.26 -30.00 -12.29
C PHE A 431 -2.59 -31.17 -11.38
N GLY A 432 -3.68 -31.05 -10.65
CA GLY A 432 -4.16 -32.16 -9.82
C GLY A 432 -3.22 -32.58 -8.73
N GLU A 433 -2.88 -31.67 -7.81
CA GLU A 433 -1.99 -32.00 -6.71
C GLU A 433 -2.79 -32.33 -5.46
N HIS A 434 -2.18 -33.12 -4.58
CA HIS A 434 -2.76 -33.50 -3.29
C HIS A 434 -1.61 -33.48 -2.30
N VAL A 435 -1.39 -32.35 -1.66
CA VAL A 435 -0.26 -32.13 -0.77
C VAL A 435 -0.78 -32.24 0.66
N TYR A 436 -0.38 -33.30 1.35
CA TYR A 436 -0.92 -33.65 2.66
C TYR A 436 0.15 -33.48 3.72
N GLY A 437 -0.15 -32.69 4.74
CA GLY A 437 0.70 -32.59 5.92
C GLY A 437 2.13 -32.18 5.64
N ALA A 438 2.34 -31.26 4.71
CA ALA A 438 3.66 -30.85 4.30
C ALA A 438 3.99 -29.48 4.89
N THR A 439 5.16 -29.37 5.51
CA THR A 439 5.67 -28.10 6.01
C THR A 439 6.65 -27.55 4.98
N ILE A 440 6.40 -26.34 4.51
CA ILE A 440 7.21 -25.72 3.48
C ILE A 440 8.12 -24.70 4.14
N ASN A 441 9.42 -24.81 3.85
CA ASN A 441 10.46 -24.03 4.50
C ASN A 441 11.35 -23.27 3.52
N PHE A 442 11.40 -23.68 2.25
CA PHE A 442 12.24 -23.12 1.22
C PHE A 442 11.43 -22.12 0.39
N THR A 443 11.99 -21.70 -0.74
CA THR A 443 11.34 -20.76 -1.64
C THR A 443 10.99 -21.46 -2.95
N MET A 444 9.72 -21.37 -3.36
CA MET A 444 9.29 -21.88 -4.65
C MET A 444 8.93 -20.69 -5.54
N GLU A 445 9.40 -20.73 -6.78
CA GLU A 445 9.27 -19.59 -7.68
C GLU A 445 8.88 -20.07 -9.08
N ASN A 446 8.18 -19.20 -9.80
CA ASN A 446 7.82 -19.42 -11.21
C ASN A 446 7.06 -20.73 -11.39
N GLN A 447 5.88 -20.79 -10.78
CA GLN A 447 5.01 -21.95 -10.87
C GLN A 447 3.57 -21.48 -10.97
N ILE A 448 2.73 -22.32 -11.58
CA ILE A 448 1.29 -22.14 -11.53
C ILE A 448 0.67 -23.44 -11.06
N HIS A 449 -0.33 -23.35 -10.18
CA HIS A 449 -1.07 -24.49 -9.68
C HIS A 449 -2.51 -24.38 -10.13
N GLN A 450 -3.07 -25.49 -10.62
CA GLN A 450 -4.45 -25.55 -11.05
C GLN A 450 -5.11 -26.78 -10.48
N HIS A 451 -6.32 -26.61 -9.94
CA HIS A 451 -7.08 -27.68 -9.30
C HIS A 451 -6.30 -28.33 -8.18
N GLY A 452 -5.44 -27.57 -7.52
CA GLY A 452 -4.70 -28.11 -6.40
C GLY A 452 -5.59 -28.33 -5.19
N LYS A 453 -5.21 -29.29 -4.36
CA LYS A 453 -5.92 -29.58 -3.12
C LYS A 453 -4.88 -29.59 -2.02
N LEU A 454 -4.59 -28.41 -1.47
CA LEU A 454 -3.59 -28.25 -0.43
C LEU A 454 -4.27 -28.44 0.92
N VAL A 455 -4.12 -29.63 1.49
CA VAL A 455 -4.81 -30.02 2.71
C VAL A 455 -3.79 -30.11 3.83
N ASN A 456 -4.04 -29.37 4.92
CA ASN A 456 -3.22 -29.41 6.13
C ASN A 456 -1.76 -29.09 5.82
N ASP A 457 -1.55 -28.05 5.02
CA ASP A 457 -0.20 -27.61 4.69
C ASP A 457 0.27 -26.55 5.69
N LYS A 458 1.48 -26.05 5.49
CA LYS A 458 2.05 -25.06 6.39
C LYS A 458 3.17 -24.33 5.67
N PHE A 459 3.01 -23.03 5.46
CA PHE A 459 4.01 -22.20 4.82
C PHE A 459 4.59 -21.26 5.89
N THR A 460 5.85 -21.50 6.26
CA THR A 460 6.48 -20.74 7.33
C THR A 460 7.81 -20.17 6.84
N ARG A 461 7.95 -18.85 6.93
CA ARG A 461 9.22 -18.15 6.67
C ARG A 461 9.77 -18.49 5.28
N MET A 462 9.01 -18.12 4.26
CA MET A 462 9.37 -18.46 2.90
C MET A 462 9.02 -17.31 1.96
N TYR A 463 9.45 -17.47 0.71
CA TYR A 463 9.34 -16.45 -0.32
C TYR A 463 8.51 -16.98 -1.48
N PHE A 464 7.45 -16.25 -1.83
CA PHE A 464 6.61 -16.55 -2.98
C PHE A 464 7.05 -15.63 -4.11
N LYS A 465 7.48 -16.21 -5.23
CA LYS A 465 7.98 -15.42 -6.35
C LYS A 465 7.35 -15.89 -7.64
N HIS A 466 6.49 -15.04 -8.22
CA HIS A 466 5.92 -15.29 -9.54
C HIS A 466 5.20 -16.63 -9.61
N VAL A 467 4.44 -16.95 -8.55
CA VAL A 467 3.69 -18.20 -8.46
C VAL A 467 2.21 -17.87 -8.38
N LEU A 468 1.42 -18.62 -9.14
CA LEU A 468 -0.01 -18.35 -9.31
C LEU A 468 -0.82 -19.55 -8.83
N PHE A 469 -1.94 -19.27 -8.18
CA PHE A 469 -2.87 -20.29 -7.71
C PHE A 469 -4.21 -20.10 -8.37
N GLU A 470 -4.73 -21.15 -9.00
CA GLU A 470 -6.05 -21.12 -9.62
C GLU A 470 -6.81 -22.37 -9.25
N ASP A 471 -8.07 -22.19 -8.87
CA ASP A 471 -8.98 -23.31 -8.58
C ASP A 471 -8.42 -24.23 -7.50
N THR A 472 -7.58 -23.70 -6.62
CA THR A 472 -6.97 -24.52 -5.58
C THR A 472 -7.84 -24.48 -4.32
N PHE A 473 -7.95 -25.61 -3.65
CA PHE A 473 -8.81 -25.78 -2.48
C PHE A 473 -7.91 -25.95 -1.26
N PHE A 474 -7.71 -24.88 -0.51
CA PHE A 474 -6.93 -24.98 0.71
C PHE A 474 -7.73 -25.64 1.81
N ASP A 475 -7.04 -26.07 2.86
CA ASP A 475 -7.71 -26.71 3.99
C ASP A 475 -6.80 -26.59 5.20
N GLU A 476 -7.22 -25.80 6.19
CA GLU A 476 -6.54 -25.63 7.47
C GLU A 476 -5.04 -25.39 7.32
N CYS A 477 -4.65 -24.78 6.20
CA CYS A 477 -3.25 -24.42 6.00
C CYS A 477 -2.86 -23.25 6.91
N TYR A 478 -1.58 -23.13 7.18
CA TYR A 478 -1.05 -22.11 8.08
C TYR A 478 0.03 -21.31 7.36
N PHE A 479 -0.14 -19.99 7.32
CA PHE A 479 0.80 -19.10 6.66
C PHE A 479 1.47 -18.24 7.72
N GLU A 480 2.80 -18.34 7.82
CA GLU A 480 3.55 -17.61 8.83
C GLU A 480 4.81 -17.03 8.22
N ASP A 481 4.97 -15.71 8.35
CA ASP A 481 6.16 -15.00 7.88
C ASP A 481 6.46 -15.31 6.41
N VAL A 482 5.41 -15.37 5.60
CA VAL A 482 5.54 -15.60 4.17
C VAL A 482 5.56 -14.25 3.47
N THR A 483 6.52 -14.08 2.57
CA THR A 483 6.70 -12.83 1.85
C THR A 483 6.46 -13.09 0.37
N SER A 484 5.54 -12.36 -0.24
CA SER A 484 5.06 -12.67 -1.58
C SER A 484 5.37 -11.53 -2.54
N THR A 485 5.66 -11.89 -3.79
CA THR A 485 5.95 -10.93 -4.85
C THR A 485 5.32 -11.44 -6.14
N ASP A 486 4.41 -10.64 -6.70
CA ASP A 486 3.74 -10.93 -7.97
C ASP A 486 2.92 -12.22 -7.92
N THR A 487 2.68 -12.79 -6.75
CA THR A 487 1.80 -13.94 -6.65
C THR A 487 0.35 -13.48 -6.55
N TYR A 488 -0.56 -14.32 -7.03
CA TYR A 488 -1.96 -13.92 -7.11
C TYR A 488 -2.83 -15.16 -7.00
N PHE A 489 -3.77 -15.14 -6.05
CA PHE A 489 -4.72 -16.22 -5.89
C PHE A 489 -5.97 -15.96 -6.71
N LYS A 490 -6.45 -16.99 -7.40
CA LYS A 490 -7.62 -16.86 -8.25
C LYS A 490 -8.56 -18.04 -8.06
N ASN A 491 -9.85 -17.73 -7.96
CA ASN A 491 -10.93 -18.74 -7.82
C ASN A 491 -10.64 -19.80 -6.76
N CYS A 492 -9.83 -19.47 -5.74
CA CYS A 492 -9.45 -20.47 -4.75
C CYS A 492 -10.46 -20.52 -3.62
N THR A 493 -10.73 -21.74 -3.15
CA THR A 493 -11.53 -21.97 -1.96
C THR A 493 -10.56 -22.12 -0.79
N ILE A 494 -10.56 -21.16 0.12
CA ILE A 494 -9.62 -21.11 1.22
C ILE A 494 -10.41 -21.35 2.50
N GLU A 495 -10.12 -22.44 3.19
CA GLU A 495 -10.96 -22.89 4.31
C GLU A 495 -10.12 -23.15 5.54
N SER A 496 -10.54 -22.56 6.67
CA SER A 496 -9.99 -22.86 8.00
C SER A 496 -8.51 -22.50 8.11
N THR A 497 -8.06 -21.52 7.36
CA THR A 497 -6.65 -21.14 7.34
C THR A 497 -6.37 -20.04 8.35
N ILE A 498 -5.09 -19.80 8.60
CA ILE A 498 -4.62 -18.69 9.41
C ILE A 498 -3.52 -17.95 8.65
N PHE A 499 -3.68 -16.65 8.49
CA PHE A 499 -2.69 -15.80 7.83
C PHE A 499 -2.11 -14.87 8.90
N TYR A 500 -1.07 -15.34 9.58
CA TYR A 500 -0.43 -14.60 10.66
C TYR A 500 0.93 -14.11 10.21
N ASN A 501 1.19 -12.82 10.41
CA ASN A 501 2.47 -12.19 10.08
C ASN A 501 2.79 -12.43 8.60
N THR A 502 1.99 -11.80 7.75
CA THR A 502 2.12 -11.97 6.30
C THR A 502 1.85 -10.63 5.61
N ASP A 503 2.25 -10.56 4.35
CA ASP A 503 1.95 -9.41 3.50
C ASP A 503 0.98 -9.75 2.38
N LEU A 504 0.35 -10.93 2.43
CA LEU A 504 -0.65 -11.32 1.46
C LEU A 504 -1.92 -10.54 1.74
N TYR A 505 -1.96 -9.31 1.22
CA TYR A 505 -3.07 -8.41 1.47
C TYR A 505 -4.30 -8.86 0.69
N GLU A 506 -5.37 -8.06 0.78
CA GLU A 506 -6.61 -8.39 0.11
C GLU A 506 -6.45 -8.34 -1.40
N HIS A 507 -5.69 -7.37 -1.91
CA HIS A 507 -5.58 -7.18 -3.36
C HIS A 507 -4.92 -8.36 -4.05
N LYS A 508 -4.23 -9.22 -3.32
CA LYS A 508 -3.61 -10.42 -3.90
C LYS A 508 -4.61 -11.55 -4.09
N PHE A 509 -5.85 -11.38 -3.64
CA PHE A 509 -6.90 -12.39 -3.78
C PHE A 509 -7.93 -11.90 -4.79
N ILE A 510 -8.21 -12.72 -5.79
CA ILE A 510 -9.13 -12.36 -6.87
C ILE A 510 -10.21 -13.42 -6.96
N ASN A 511 -11.46 -13.01 -6.68
CA ASN A 511 -12.62 -13.89 -6.77
C ASN A 511 -12.43 -15.17 -5.96
N CYS A 512 -12.04 -15.00 -4.70
CA CYS A 512 -11.78 -16.12 -3.80
C CYS A 512 -12.82 -16.17 -2.70
N ARG A 513 -13.20 -17.39 -2.34
CA ARG A 513 -14.19 -17.62 -1.30
C ARG A 513 -13.49 -18.15 -0.05
N PHE A 514 -13.56 -17.39 1.04
CA PHE A 514 -13.05 -17.83 2.32
C PHE A 514 -14.11 -18.62 3.05
N ILE A 515 -13.66 -19.57 3.87
CA ILE A 515 -14.55 -20.40 4.68
C ILE A 515 -13.93 -20.52 6.06
N ASN A 516 -14.62 -20.00 7.08
CA ASN A 516 -14.22 -20.18 8.48
C ASN A 516 -12.77 -19.74 8.72
N SER A 517 -12.25 -18.87 7.85
CA SER A 517 -10.84 -18.51 7.84
C SER A 517 -10.60 -17.34 8.80
N THR A 518 -9.36 -16.87 8.83
CA THR A 518 -9.00 -15.75 9.68
C THR A 518 -7.83 -14.99 9.06
N PHE A 519 -7.63 -13.76 9.55
CA PHE A 519 -6.57 -12.88 9.08
C PHE A 519 -6.01 -12.14 10.29
N LEU A 520 -4.86 -12.61 10.79
CA LEU A 520 -4.25 -12.04 11.96
C LEU A 520 -3.41 -10.82 11.59
N GLU A 521 -2.57 -10.37 12.52
CA GLU A 521 -1.71 -9.21 12.28
C GLU A 521 -0.81 -9.45 11.08
N GLN A 522 -0.71 -8.43 10.22
CA GLN A 522 -0.01 -8.53 8.96
C GLN A 522 1.08 -7.47 8.86
N LYS A 523 2.19 -7.84 8.24
CA LYS A 523 3.28 -6.89 8.05
C LYS A 523 2.85 -5.77 7.12
N GLU A 524 3.39 -4.57 7.37
CA GLU A 524 3.15 -3.41 6.53
C GLU A 524 4.47 -2.94 5.95
N GLY A 525 4.50 -2.76 4.65
CA GLY A 525 5.71 -2.42 3.93
C GLY A 525 5.81 -3.26 2.66
N CYS A 526 6.57 -2.75 1.71
CA CYS A 526 6.70 -3.40 0.41
C CYS A 526 7.94 -4.29 0.44
N HIS A 527 7.72 -5.57 0.73
CA HIS A 527 8.81 -6.51 0.99
C HIS A 527 9.06 -7.36 -0.26
N MET A 528 10.19 -7.13 -0.92
CA MET A 528 10.65 -7.98 -2.01
C MET A 528 12.14 -8.24 -1.83
N ASP A 529 12.60 -9.33 -2.44
CA ASP A 529 14.02 -9.65 -2.42
C ASP A 529 14.73 -8.69 -3.37
N LEU A 530 15.08 -7.52 -2.83
CA LEU A 530 15.67 -6.46 -3.63
C LEU A 530 16.95 -6.92 -4.32
N GLU A 531 17.66 -7.88 -3.71
CA GLU A 531 18.89 -8.40 -4.31
C GLU A 531 18.64 -9.03 -5.68
N GLN A 532 17.43 -9.54 -5.93
CA GLN A 532 17.12 -10.20 -7.18
C GLN A 532 16.35 -9.34 -8.17
N ASP A 533 15.69 -8.28 -7.71
CA ASP A 533 14.83 -7.45 -8.55
C ASP A 533 15.21 -5.99 -8.34
N ASN A 534 16.20 -5.53 -9.12
CA ASN A 534 16.70 -4.16 -9.03
C ASN A 534 17.15 -3.73 -10.41
N ASP A 535 17.49 -2.45 -10.54
CA ASP A 535 17.97 -1.89 -11.80
C ASP A 535 19.49 -1.77 -11.71
N PHE A 536 20.18 -2.88 -11.97
CA PHE A 536 21.63 -2.88 -12.04
C PHE A 536 22.13 -3.45 -13.36
N LEU A 537 21.25 -4.03 -14.17
CA LEU A 537 21.56 -4.38 -15.55
C LEU A 537 20.99 -3.38 -16.54
N ILE A 538 20.43 -2.28 -16.04
CA ILE A 538 20.03 -1.16 -16.89
C ILE A 538 20.99 0.01 -16.76
N TYR A 539 21.63 0.20 -15.61
CA TYR A 539 22.64 1.24 -15.45
C TYR A 539 24.01 0.78 -15.91
N LEU A 540 24.35 -0.48 -15.67
CA LEU A 540 25.62 -1.03 -16.14
C LEU A 540 25.66 -1.06 -17.67
N VAL A 541 24.53 -1.43 -18.29
CA VAL A 541 24.48 -1.45 -19.75
C VAL A 541 24.65 -0.05 -20.31
N SER A 542 23.99 0.94 -19.69
CA SER A 542 24.17 2.32 -20.13
C SER A 542 25.60 2.79 -19.94
N PHE A 543 26.22 2.38 -18.83
CA PHE A 543 27.63 2.71 -18.60
C PHE A 543 28.50 2.18 -19.72
N LEU A 544 28.33 0.90 -20.08
CA LEU A 544 29.12 0.33 -21.16
C LEU A 544 28.84 1.02 -22.48
N GLY A 545 27.58 1.34 -22.75
CA GLY A 545 27.23 2.01 -24.00
C GLY A 545 27.88 3.37 -24.12
N SER A 546 27.90 4.15 -23.04
CA SER A 546 28.55 5.45 -23.08
C SER A 546 30.07 5.31 -23.10
N LEU A 547 30.61 4.26 -22.48
CA LEU A 547 32.05 4.05 -22.50
C LEU A 547 32.55 3.66 -23.89
N SER A 548 31.75 2.92 -24.65
CA SER A 548 32.22 2.39 -25.92
C SER A 548 32.57 3.47 -26.93
N VAL A 549 32.14 4.71 -26.71
CA VAL A 549 32.44 5.79 -27.65
C VAL A 549 33.79 6.44 -27.42
N LEU A 550 34.43 6.19 -26.28
CA LEU A 550 35.70 6.85 -25.99
C LEU A 550 36.79 6.48 -26.99
N PRO A 551 37.04 5.20 -27.31
CA PRO A 551 37.99 4.91 -28.40
C PRO A 551 37.54 5.45 -29.73
N GLY A 552 36.22 5.50 -29.98
CA GLY A 552 35.71 6.00 -31.24
C GLY A 552 35.65 7.50 -31.38
N ASN A 553 35.95 8.23 -30.30
CA ASN A 553 35.97 9.68 -30.36
C ASN A 553 37.36 10.22 -30.66
N ILE A 554 38.40 9.58 -30.13
CA ILE A 554 39.77 10.04 -30.38
C ILE A 554 40.14 9.85 -31.84
N ILE A 555 39.73 8.74 -32.44
CA ILE A 555 39.96 8.52 -33.86
C ILE A 555 39.16 9.48 -34.74
N SER A 556 38.32 10.32 -34.14
CA SER A 556 37.65 11.39 -34.86
C SER A 556 38.19 12.76 -34.49
N ALA A 557 38.79 12.89 -33.30
CA ALA A 557 39.39 14.15 -32.90
C ALA A 557 40.60 14.47 -33.77
N LEU A 558 41.59 13.59 -33.77
CA LEU A 558 42.77 13.81 -34.59
C LEU A 558 42.59 13.20 -35.98
N LEU A 559 41.42 13.44 -36.56
CA LEU A 559 41.18 13.12 -37.96
C LEU A 559 40.35 14.15 -38.71
N MET A 560 39.63 15.04 -38.02
CA MET A 560 38.68 15.90 -38.71
C MET A 560 39.37 16.98 -39.54
N ASP A 561 40.67 17.16 -39.36
CA ASP A 561 41.44 18.08 -40.19
C ASP A 561 42.03 17.41 -41.42
N ARG A 562 41.78 16.12 -41.61
CA ARG A 562 42.32 15.40 -42.77
C ARG A 562 41.23 14.91 -43.71
N ILE A 563 40.27 14.12 -43.25
CA ILE A 563 39.19 13.70 -44.14
C ILE A 563 38.26 14.86 -44.43
N GLY A 564 37.92 15.66 -43.43
CA GLY A 564 37.09 16.82 -43.64
C GLY A 564 35.96 16.87 -42.64
N ARG A 565 34.93 17.65 -42.99
CA ARG A 565 33.80 17.88 -42.11
C ARG A 565 32.47 17.39 -42.68
N LEU A 566 32.46 16.90 -43.91
CA LEU A 566 31.26 16.32 -44.52
C LEU A 566 31.40 14.85 -44.86
N LYS A 567 32.62 14.39 -45.17
CA LYS A 567 32.82 12.95 -45.38
C LYS A 567 32.74 12.19 -44.07
N MET A 568 33.17 12.80 -42.97
CA MET A 568 33.12 12.11 -41.67
C MET A 568 31.70 11.82 -41.25
N ILE A 569 30.82 12.84 -41.31
CA ILE A 569 29.45 12.65 -40.84
C ILE A 569 28.72 11.62 -41.68
N GLY A 570 28.82 11.73 -43.01
CA GLY A 570 28.17 10.76 -43.87
C GLY A 570 28.71 9.36 -43.71
N GLY A 571 30.05 9.24 -43.65
CA GLY A 571 30.64 7.92 -43.48
C GLY A 571 30.26 7.27 -42.18
N SER A 572 30.30 8.04 -41.08
CA SER A 572 29.92 7.50 -39.78
C SER A 572 28.45 7.09 -39.76
N MET A 573 27.58 7.92 -40.35
CA MET A 573 26.16 7.59 -40.39
C MET A 573 25.92 6.30 -41.17
N LEU A 574 26.53 6.17 -42.35
CA LEU A 574 26.32 4.96 -43.15
C LEU A 574 26.92 3.73 -42.50
N ILE A 575 28.07 3.87 -41.83
CA ILE A 575 28.67 2.72 -41.18
C ILE A 575 27.83 2.27 -39.99
N SER A 576 27.30 3.24 -39.22
CA SER A 576 26.39 2.89 -38.14
C SER A 576 25.13 2.21 -38.67
N ALA A 577 24.64 2.68 -39.84
CA ALA A 577 23.49 2.02 -40.46
C ALA A 577 23.81 0.58 -40.83
N VAL A 578 25.00 0.35 -41.40
CA VAL A 578 25.40 -1.00 -41.77
C VAL A 578 25.49 -1.89 -40.53
N CYS A 579 26.03 -1.34 -39.44
CA CYS A 579 26.08 -2.10 -38.19
C CYS A 579 24.68 -2.40 -37.66
N CYS A 580 23.76 -1.45 -37.82
CA CYS A 580 22.38 -1.67 -37.40
C CYS A 580 21.74 -2.80 -38.19
N PHE A 581 21.98 -2.86 -39.50
CA PHE A 581 21.42 -3.95 -40.27
C PHE A 581 21.97 -5.32 -39.89
N PHE A 582 23.04 -5.38 -39.11
CA PHE A 582 23.58 -6.66 -38.63
C PHE A 582 22.96 -7.07 -37.30
N LEU A 583 22.16 -6.21 -36.67
CA LEU A 583 21.65 -6.53 -35.35
C LEU A 583 20.55 -7.59 -35.42
N PHE A 584 19.85 -7.67 -36.55
CA PHE A 584 18.84 -8.71 -36.73
C PHE A 584 19.44 -10.10 -36.55
N PHE A 585 20.72 -10.29 -36.92
CA PHE A 585 21.37 -11.58 -36.75
C PHE A 585 21.48 -11.96 -35.28
N GLY A 586 21.78 -10.99 -34.41
CA GLY A 586 22.13 -11.30 -33.04
C GLY A 586 20.93 -11.43 -32.13
N ASN A 587 20.98 -12.45 -31.26
CA ASN A 587 19.98 -12.65 -30.20
C ASN A 587 20.69 -13.34 -29.03
N SER A 588 21.18 -12.54 -28.10
CA SER A 588 21.83 -13.01 -26.87
C SER A 588 22.19 -11.78 -26.05
N GLU A 589 22.55 -12.02 -24.79
CA GLU A 589 23.02 -10.93 -23.95
C GLU A 589 24.35 -10.39 -24.45
N SER A 590 25.32 -11.29 -24.66
CA SER A 590 26.61 -10.87 -25.18
C SER A 590 26.47 -10.25 -26.56
N ALA A 591 25.65 -10.85 -27.42
CA ALA A 591 25.43 -10.29 -28.75
C ALA A 591 24.84 -8.89 -28.67
N MET A 592 23.81 -8.71 -27.83
CA MET A 592 23.17 -7.40 -27.74
C MET A 592 24.13 -6.34 -27.22
N ILE A 593 24.89 -6.67 -26.17
CA ILE A 593 25.81 -5.66 -25.63
C ILE A 593 26.92 -5.37 -26.65
N GLY A 594 27.36 -6.38 -27.40
CA GLY A 594 28.36 -6.13 -28.42
C GLY A 594 27.86 -5.22 -29.53
N TRP A 595 26.64 -5.47 -30.00
CA TRP A 595 26.09 -4.62 -31.05
C TRP A 595 25.88 -3.20 -30.55
N GLN A 596 25.45 -3.06 -29.29
CA GLN A 596 25.31 -1.72 -28.72
C GLN A 596 26.66 -1.00 -28.68
N CYS A 597 27.69 -1.70 -28.23
CA CYS A 597 29.01 -1.08 -28.17
C CYS A 597 29.50 -0.68 -29.55
N LEU A 598 29.33 -1.54 -30.55
CA LEU A 598 29.77 -1.21 -31.90
C LEU A 598 29.04 0.01 -32.44
N PHE A 599 27.71 0.03 -32.30
CA PHE A 599 26.94 1.15 -32.82
C PHE A 599 27.31 2.45 -32.13
N CYS A 600 27.43 2.43 -30.80
CA CYS A 600 27.78 3.65 -30.08
C CYS A 600 29.19 4.10 -30.43
N GLY A 601 30.11 3.16 -30.65
CA GLY A 601 31.46 3.54 -31.03
C GLY A 601 31.54 4.19 -32.39
N THR A 602 30.74 3.72 -33.34
CA THR A 602 30.74 4.33 -34.66
C THR A 602 29.74 5.45 -34.82
N SER A 603 28.98 5.80 -33.78
CA SER A 603 28.04 6.91 -33.85
C SER A 603 28.41 8.06 -32.92
N ILE A 604 29.70 8.33 -32.74
CA ILE A 604 30.16 9.49 -31.98
C ILE A 604 30.92 10.47 -32.88
N ALA A 605 31.68 9.96 -33.84
CA ALA A 605 32.30 10.83 -34.84
C ALA A 605 31.24 11.61 -35.60
N ALA A 606 30.09 10.98 -35.85
CA ALA A 606 28.98 11.69 -36.48
C ALA A 606 28.54 12.88 -35.65
N TRP A 607 28.36 12.69 -34.34
CA TRP A 607 27.95 13.78 -33.48
C TRP A 607 28.98 14.89 -33.46
N ASN A 608 30.26 14.53 -33.38
CA ASN A 608 31.31 15.55 -33.30
C ASN A 608 31.38 16.36 -34.58
N ALA A 609 31.38 15.68 -35.74
CA ALA A 609 31.39 16.40 -37.00
C ALA A 609 30.15 17.25 -37.16
N LEU A 610 29.01 16.78 -36.64
CA LEU A 610 27.79 17.58 -36.69
C LEU A 610 27.95 18.85 -35.88
N ASP A 611 28.51 18.75 -34.68
CA ASP A 611 28.72 19.93 -33.85
C ASP A 611 29.62 20.93 -34.55
N VAL A 612 30.72 20.44 -35.15
CA VAL A 612 31.65 21.35 -35.80
C VAL A 612 31.00 22.01 -37.02
N ILE A 613 30.30 21.23 -37.85
CA ILE A 613 29.73 21.79 -39.06
C ILE A 613 28.57 22.73 -38.74
N THR A 614 27.91 22.54 -37.58
CA THR A 614 26.81 23.43 -37.23
C THR A 614 27.28 24.65 -36.46
N VAL A 615 28.49 24.63 -35.91
CA VAL A 615 29.06 25.81 -35.28
C VAL A 615 29.92 26.64 -36.24
N GLU A 616 30.39 26.05 -37.34
CA GLU A 616 31.28 26.73 -38.25
C GLU A 616 30.57 27.51 -39.34
N LEU A 617 29.33 27.15 -39.67
CA LEU A 617 28.66 27.77 -40.81
C LEU A 617 28.21 29.19 -40.51
N TYR A 618 27.35 29.36 -39.51
CA TYR A 618 26.70 30.64 -39.28
C TYR A 618 27.69 31.67 -38.72
N PRO A 619 27.47 32.95 -39.02
CA PRO A 619 28.32 33.99 -38.44
C PRO A 619 28.09 34.15 -36.95
N THR A 620 28.86 35.03 -36.31
CA THR A 620 28.77 35.23 -34.87
C THR A 620 27.50 35.95 -34.44
N ASN A 621 26.75 36.54 -35.38
CA ASN A 621 25.51 37.21 -35.04
C ASN A 621 24.29 36.30 -35.14
N GLN A 622 24.48 35.05 -35.59
CA GLN A 622 23.38 34.10 -35.66
C GLN A 622 23.74 32.71 -35.15
N ARG A 623 24.97 32.51 -34.66
CA ARG A 623 25.43 31.17 -34.33
C ARG A 623 24.66 30.58 -33.16
N ALA A 624 24.51 31.36 -32.08
CA ALA A 624 23.82 30.86 -30.90
C ALA A 624 22.37 30.50 -31.21
N THR A 625 21.68 31.35 -31.97
CA THR A 625 20.27 31.11 -32.27
C THR A 625 20.08 29.85 -33.09
N ALA A 626 20.85 29.69 -34.16
CA ALA A 626 20.71 28.51 -35.00
C ALA A 626 21.11 27.25 -34.26
N PHE A 627 22.20 27.31 -33.49
CA PHE A 627 22.57 26.15 -32.68
C PHE A 627 21.47 25.81 -31.69
N GLY A 628 20.80 26.82 -31.14
CA GLY A 628 19.72 26.56 -30.19
C GLY A 628 18.53 25.88 -30.84
N ILE A 629 18.12 26.36 -32.02
CA ILE A 629 16.99 25.72 -32.67
C ILE A 629 17.34 24.30 -33.10
N LEU A 630 18.59 24.07 -33.52
CA LEU A 630 18.98 22.71 -33.89
C LEU A 630 19.02 21.79 -32.68
N ASN A 631 19.46 22.32 -31.53
CA ASN A 631 19.45 21.51 -30.31
C ASN A 631 18.03 21.21 -29.86
N GLY A 632 17.12 22.17 -30.02
CA GLY A 632 15.72 21.90 -29.73
C GLY A 632 15.14 20.80 -30.61
N LEU A 633 15.46 20.85 -31.90
CA LEU A 633 15.01 19.78 -32.80
C LEU A 633 15.65 18.45 -32.42
N CYS A 634 16.90 18.48 -31.96
CA CYS A 634 17.56 17.27 -31.48
C CYS A 634 16.82 16.68 -30.30
N LYS A 635 16.40 17.52 -29.34
CA LYS A 635 15.65 17.01 -28.20
C LYS A 635 14.28 16.48 -28.63
N PHE A 636 13.66 17.12 -29.63
CA PHE A 636 12.39 16.63 -30.16
C PHE A 636 12.56 15.23 -30.75
N GLY A 637 13.62 15.04 -31.53
CA GLY A 637 13.92 13.71 -32.03
C GLY A 637 14.23 12.72 -30.93
N ALA A 638 14.87 13.18 -29.85
CA ALA A 638 15.11 12.30 -28.71
C ALA A 638 13.80 11.81 -28.11
N ILE A 639 12.83 12.72 -27.96
CA ILE A 639 11.51 12.32 -27.48
C ILE A 639 10.90 11.27 -28.40
N LEU A 640 10.92 11.55 -29.71
CA LEU A 640 10.28 10.63 -30.65
C LEU A 640 10.91 9.24 -30.60
N GLY A 641 12.25 9.18 -30.62
CA GLY A 641 12.92 7.89 -30.60
C GLY A 641 12.72 7.15 -29.29
N ASN A 642 12.94 7.83 -28.17
CA ASN A 642 12.85 7.18 -26.88
C ASN A 642 11.42 6.79 -26.56
N THR A 643 10.43 7.32 -27.28
CA THR A 643 9.08 6.80 -27.14
C THR A 643 8.85 5.59 -28.05
N ILE A 644 9.11 5.75 -29.35
CA ILE A 644 8.75 4.71 -30.31
C ILE A 644 9.55 3.43 -30.05
N PHE A 645 10.87 3.55 -29.93
CA PHE A 645 11.70 2.37 -29.75
C PHE A 645 11.40 1.65 -28.45
N ALA A 646 11.18 2.41 -27.37
CA ALA A 646 10.91 1.80 -26.08
C ALA A 646 9.50 1.23 -26.00
N SER A 647 8.60 1.65 -26.89
CA SER A 647 7.28 1.05 -26.93
C SER A 647 7.24 -0.23 -27.74
N PHE A 648 8.07 -0.36 -28.78
CA PHE A 648 8.11 -1.57 -29.61
C PHE A 648 9.06 -2.60 -29.02
N VAL A 649 8.70 -3.10 -27.84
CA VAL A 649 9.45 -4.15 -27.17
C VAL A 649 8.51 -5.33 -26.93
N GLY A 650 8.94 -6.51 -27.38
CA GLY A 650 8.14 -7.71 -27.24
C GLY A 650 7.13 -7.93 -28.35
N ILE A 651 6.98 -7.00 -29.27
CA ILE A 651 6.07 -7.14 -30.39
C ILE A 651 6.80 -7.54 -31.67
N THR A 652 7.93 -6.90 -31.95
CA THR A 652 8.73 -7.23 -33.12
C THR A 652 10.12 -6.66 -32.93
N LYS A 653 11.05 -7.12 -33.75
CA LYS A 653 12.43 -6.66 -33.74
C LYS A 653 12.86 -6.00 -35.04
N VAL A 654 12.34 -6.47 -36.18
CA VAL A 654 12.81 -5.94 -37.46
C VAL A 654 12.21 -4.58 -37.74
N VAL A 655 11.10 -4.23 -37.09
CA VAL A 655 10.43 -2.95 -37.37
C VAL A 655 11.28 -1.80 -36.85
N PRO A 656 11.63 -1.76 -35.54
CA PRO A 656 12.44 -0.61 -35.08
C PRO A 656 13.83 -0.59 -35.69
N ILE A 657 14.42 -1.77 -35.95
CA ILE A 657 15.75 -1.82 -36.54
C ILE A 657 15.72 -1.30 -37.97
N LEU A 658 14.72 -1.72 -38.75
CA LEU A 658 14.58 -1.21 -40.11
C LEU A 658 14.33 0.29 -40.10
N LEU A 659 13.50 0.77 -39.17
CA LEU A 659 13.22 2.20 -39.10
C LEU A 659 14.49 3.00 -38.75
N ALA A 660 15.28 2.51 -37.79
CA ALA A 660 16.52 3.19 -37.42
C ALA A 660 17.52 3.17 -38.57
N ALA A 661 17.65 2.04 -39.26
CA ALA A 661 18.56 1.97 -40.40
C ALA A 661 18.12 2.91 -41.51
N ALA A 662 16.82 3.00 -41.76
CA ALA A 662 16.32 3.93 -42.75
C ALA A 662 16.63 5.38 -42.37
N SER A 663 16.42 5.73 -41.10
CA SER A 663 16.74 7.09 -40.66
C SER A 663 18.21 7.40 -40.83
N LEU A 664 19.08 6.48 -40.42
CA LEU A 664 20.52 6.70 -40.57
C LEU A 664 20.92 6.82 -42.04
N VAL A 665 20.38 5.96 -42.90
CA VAL A 665 20.74 6.01 -44.31
C VAL A 665 20.29 7.31 -44.94
N GLY A 666 19.06 7.74 -44.63
CA GLY A 666 18.58 9.01 -45.15
C GLY A 666 19.42 10.19 -44.68
N GLY A 667 19.73 10.23 -43.39
CA GLY A 667 20.57 11.30 -42.88
C GLY A 667 21.95 11.32 -43.52
N GLY A 668 22.58 10.15 -43.61
CA GLY A 668 23.91 10.06 -44.18
C GLY A 668 23.96 10.19 -45.68
N LEU A 669 22.81 10.15 -46.35
CA LEU A 669 22.75 10.49 -47.77
C LEU A 669 22.46 11.96 -47.99
N ILE A 670 21.72 12.59 -47.09
CA ILE A 670 21.42 14.01 -47.24
C ILE A 670 22.59 14.87 -46.75
N ALA A 671 23.33 14.42 -45.74
CA ALA A 671 24.39 15.23 -45.16
C ALA A 671 25.52 15.55 -46.14
N LEU A 672 25.61 14.80 -47.25
CA LEU A 672 26.58 15.16 -48.28
C LEU A 672 26.21 16.48 -48.95
N ARG A 673 24.92 16.74 -49.14
CA ARG A 673 24.47 17.96 -49.79
C ARG A 673 24.52 19.14 -48.82
N LEU A 674 25.74 19.47 -48.41
CA LEU A 674 26.03 20.57 -47.49
C LEU A 674 27.20 21.38 -48.03
N PRO A 675 27.20 22.69 -47.80
CA PRO A 675 28.35 23.50 -48.23
C PRO A 675 29.63 23.09 -47.53
N GLU A 676 30.74 23.18 -48.26
CA GLU A 676 32.04 22.78 -47.74
C GLU A 676 32.60 23.85 -46.79
N THR A 677 33.27 23.40 -45.74
CA THR A 677 33.90 24.28 -44.75
C THR A 677 35.29 23.72 -44.43
N ARG A 678 36.31 24.26 -45.08
CA ARG A 678 37.69 23.83 -44.84
C ARG A 678 38.67 24.87 -45.35
N ASN B 22 -43.61 -10.16 39.65
CA ASN B 22 -43.66 -10.95 38.43
C ASN B 22 -45.11 -11.25 38.04
N THR B 23 -45.76 -12.06 38.88
CA THR B 23 -47.17 -12.48 38.73
C THR B 23 -47.56 -12.67 37.26
N SER B 24 -46.84 -13.57 36.61
CA SER B 24 -47.07 -13.88 35.21
C SER B 24 -48.15 -14.95 35.05
N ILE B 25 -48.66 -15.08 33.84
CA ILE B 25 -49.63 -16.14 33.53
C ILE B 25 -48.91 -17.42 33.12
N LEU B 26 -47.82 -17.30 32.37
CA LEU B 26 -46.94 -18.43 32.06
C LEU B 26 -45.56 -18.14 32.62
N ASN B 27 -45.05 -19.04 33.45
CA ASN B 27 -43.82 -18.86 34.22
C ASN B 27 -42.94 -20.09 34.11
N LEU B 28 -42.70 -20.54 32.88
CA LEU B 28 -41.89 -21.74 32.64
C LEU B 28 -40.50 -21.61 33.27
N ARG B 29 -40.23 -22.40 34.30
CA ARG B 29 -38.97 -22.35 35.02
C ARG B 29 -38.59 -23.76 35.44
N TYR B 30 -37.29 -23.97 35.69
CA TYR B 30 -36.75 -25.29 36.01
C TYR B 30 -36.42 -25.35 37.49
N GLU B 31 -37.18 -26.14 38.23
CA GLU B 31 -36.96 -26.34 39.66
C GLU B 31 -36.86 -27.83 39.95
N SER B 32 -35.75 -28.25 40.57
CA SER B 32 -35.56 -29.61 41.07
C SER B 32 -35.81 -30.64 39.96
N ASN B 33 -34.93 -30.59 38.96
CA ASN B 33 -34.95 -31.46 37.78
C ASN B 33 -36.36 -31.57 37.19
N HIS B 34 -37.12 -30.49 37.25
CA HIS B 34 -38.49 -30.46 36.75
C HIS B 34 -38.74 -29.11 36.09
N LEU B 35 -39.06 -29.14 34.80
CA LEU B 35 -39.44 -27.93 34.06
C LEU B 35 -40.94 -27.75 34.21
N ILE B 36 -41.35 -26.78 35.03
CA ILE B 36 -42.75 -26.61 35.38
C ILE B 36 -43.13 -25.14 35.27
N ASP B 37 -44.43 -24.89 35.18
CA ASP B 37 -44.98 -23.54 35.18
C ASP B 37 -45.25 -23.13 36.61
N LEU B 38 -44.51 -22.13 37.10
CA LEU B 38 -44.67 -21.68 38.47
C LEU B 38 -45.94 -20.88 38.68
N SER B 39 -46.67 -20.55 37.62
CA SER B 39 -47.92 -19.81 37.77
C SER B 39 -48.98 -20.68 38.44
N ARG B 40 -50.05 -20.04 38.89
CA ARG B 40 -51.11 -20.74 39.60
C ARG B 40 -51.90 -21.68 38.68
N TYR B 41 -51.90 -21.44 37.37
CA TYR B 41 -52.64 -22.29 36.46
C TYR B 41 -51.94 -23.62 36.21
N ALA B 42 -50.60 -23.64 36.26
CA ALA B 42 -49.81 -24.86 36.16
C ALA B 42 -50.10 -25.62 34.85
N SER B 43 -49.73 -24.98 33.74
CA SER B 43 -49.89 -25.60 32.44
C SER B 43 -49.00 -26.83 32.32
N LYS B 44 -49.40 -27.74 31.43
CA LYS B 44 -48.67 -29.00 31.24
C LYS B 44 -47.43 -28.77 30.38
N ILE B 45 -46.36 -29.48 30.70
CA ILE B 45 -45.10 -29.37 29.97
C ILE B 45 -44.67 -30.75 29.49
N ASN B 46 -44.31 -30.84 28.22
CA ASN B 46 -43.80 -32.06 27.61
C ASN B 46 -42.41 -31.79 27.05
N ILE B 47 -41.43 -32.61 27.46
CA ILE B 47 -40.04 -32.40 27.10
C ILE B 47 -39.60 -33.55 26.20
N GLY B 48 -38.96 -33.20 25.08
CA GLY B 48 -38.44 -34.21 24.18
C GLY B 48 -37.19 -34.86 24.70
N SER B 49 -36.78 -35.95 24.02
CA SER B 49 -35.62 -36.71 24.43
C SER B 49 -34.30 -36.08 23.98
N LYS B 50 -34.34 -35.16 23.02
CA LYS B 50 -33.14 -34.49 22.52
C LYS B 50 -33.06 -33.03 22.96
N VAL B 51 -33.55 -32.73 24.15
CA VAL B 51 -33.55 -31.38 24.69
C VAL B 51 -32.44 -31.30 25.74
N ASN B 52 -31.33 -30.70 25.36
CA ASN B 52 -30.18 -30.58 26.25
C ASN B 52 -30.42 -29.50 27.29
N PHE B 53 -29.80 -29.67 28.45
CA PHE B 53 -29.85 -28.70 29.54
C PHE B 53 -28.43 -28.37 29.98
N ASP B 54 -28.19 -27.11 30.28
CA ASP B 54 -26.88 -26.68 30.74
C ASP B 54 -26.65 -27.14 32.17
N PRO B 55 -25.59 -27.91 32.46
CA PRO B 55 -25.42 -28.43 33.82
C PRO B 55 -25.21 -27.35 34.87
N ILE B 56 -24.43 -26.31 34.57
CA ILE B 56 -24.13 -25.31 35.59
C ILE B 56 -25.35 -24.45 35.88
N ASP B 57 -26.21 -24.22 34.89
CA ASP B 57 -27.45 -23.47 35.08
C ASP B 57 -28.54 -24.21 34.29
N LYS B 58 -29.44 -24.88 35.02
CA LYS B 58 -30.43 -25.72 34.38
C LYS B 58 -31.57 -24.94 33.74
N ASN B 59 -31.67 -23.63 34.00
CA ASN B 59 -32.70 -22.84 33.33
C ASN B 59 -32.42 -22.65 31.85
N GLN B 60 -31.15 -22.53 31.48
CA GLN B 60 -30.79 -22.37 30.07
C GLN B 60 -31.06 -23.67 29.33
N ILE B 61 -31.88 -23.60 28.29
CA ILE B 61 -32.31 -24.77 27.53
C ILE B 61 -31.77 -24.65 26.11
N GLN B 62 -31.22 -25.74 25.61
CA GLN B 62 -30.67 -25.77 24.26
C GLN B 62 -31.59 -26.58 23.35
N LEU B 63 -31.94 -26.01 22.20
CA LEU B 63 -32.83 -26.66 21.24
C LEU B 63 -32.09 -26.86 19.93
N PHE B 64 -32.20 -28.08 19.38
CA PHE B 64 -31.54 -28.45 18.14
C PHE B 64 -32.55 -28.50 17.00
N ASN B 65 -32.04 -28.78 15.80
CA ASN B 65 -32.89 -28.93 14.61
C ASN B 65 -33.22 -30.40 14.37
N LEU B 66 -33.85 -31.01 15.37
CA LEU B 66 -34.23 -32.41 15.31
C LEU B 66 -35.73 -32.56 15.55
N GLU B 67 -36.25 -33.72 15.20
CA GLU B 67 -37.68 -33.99 15.42
C GLU B 67 -38.01 -34.02 16.90
N SER B 68 -37.15 -34.63 17.72
CA SER B 68 -37.41 -34.77 19.14
C SER B 68 -36.87 -33.62 19.97
N SER B 69 -36.07 -32.72 19.38
CA SER B 69 -35.55 -31.56 20.10
C SER B 69 -36.65 -30.50 20.13
N LYS B 70 -37.61 -30.70 21.03
CA LYS B 70 -38.79 -29.86 21.08
C LYS B 70 -39.32 -29.81 22.50
N ILE B 71 -40.02 -28.73 22.82
CA ILE B 71 -40.71 -28.55 24.08
C ILE B 71 -42.15 -28.15 23.77
N GLU B 72 -43.10 -28.73 24.49
CA GLU B 72 -44.51 -28.45 24.24
C GLU B 72 -45.14 -27.98 25.55
N VAL B 73 -46.00 -26.97 25.46
CA VAL B 73 -46.73 -26.46 26.61
C VAL B 73 -48.22 -26.56 26.28
N ILE B 74 -48.95 -27.33 27.08
CA ILE B 74 -50.40 -27.42 27.01
C ILE B 74 -50.97 -26.37 27.95
N LEU B 75 -51.65 -25.38 27.39
CA LEU B 75 -52.22 -24.29 28.16
C LEU B 75 -53.61 -24.66 28.67
N LYS B 76 -54.05 -23.93 29.69
CA LYS B 76 -55.41 -24.09 30.18
C LYS B 76 -56.39 -23.48 29.19
N ASN B 77 -57.64 -23.94 29.27
CA ASN B 77 -58.68 -23.42 28.38
C ASN B 77 -58.95 -21.94 28.65
N ALA B 78 -58.95 -21.55 29.92
CA ALA B 78 -59.22 -20.15 30.28
C ALA B 78 -58.11 -19.20 29.87
N ILE B 79 -56.93 -19.71 29.50
CA ILE B 79 -55.80 -18.87 29.14
C ILE B 79 -55.49 -18.93 27.65
N VAL B 80 -56.35 -19.58 26.87
CA VAL B 80 -56.17 -19.61 25.42
C VAL B 80 -56.61 -18.26 24.86
N TYR B 81 -55.71 -17.59 24.14
CA TYR B 81 -55.98 -16.24 23.66
C TYR B 81 -56.95 -16.28 22.49
N ASN B 82 -58.19 -15.82 22.73
CA ASN B 82 -59.20 -15.71 21.68
C ASN B 82 -59.98 -14.42 21.96
N SER B 83 -59.55 -13.32 21.34
CA SER B 83 -60.14 -12.01 21.56
C SER B 83 -59.63 -11.06 20.50
N MET B 84 -60.19 -9.85 20.50
CA MET B 84 -59.78 -8.80 19.58
C MET B 84 -59.33 -7.52 20.28
N TYR B 85 -59.35 -7.48 21.61
CA TYR B 85 -58.99 -6.28 22.36
C TYR B 85 -58.00 -6.51 23.49
N GLU B 86 -57.80 -7.74 23.94
CA GLU B 86 -56.98 -8.01 25.11
C GLU B 86 -55.50 -7.90 24.77
N ASN B 87 -54.82 -6.95 25.42
CA ASN B 87 -53.39 -6.79 25.23
C ASN B 87 -52.63 -7.94 25.91
N PHE B 88 -51.43 -8.21 25.42
CA PHE B 88 -50.62 -9.27 26.04
C PHE B 88 -49.17 -9.08 25.65
N SER B 89 -48.29 -9.74 26.40
CA SER B 89 -46.85 -9.58 26.16
C SER B 89 -46.13 -10.87 26.52
N THR B 90 -44.93 -11.00 25.93
CA THR B 90 -44.05 -12.14 26.15
C THR B 90 -42.65 -11.64 26.39
N SER B 91 -41.83 -12.46 27.05
CA SER B 91 -40.45 -12.08 27.32
C SER B 91 -39.60 -13.33 27.46
N PHE B 92 -38.38 -13.28 26.94
CA PHE B 92 -37.48 -14.42 27.04
C PHE B 92 -36.06 -13.99 26.70
N TRP B 93 -35.10 -14.72 27.26
CA TRP B 93 -33.70 -14.56 26.90
C TRP B 93 -33.33 -15.60 25.86
N ILE B 94 -32.69 -15.16 24.79
CA ILE B 94 -32.35 -16.04 23.67
C ILE B 94 -30.91 -15.79 23.25
N ARG B 95 -30.24 -16.85 22.83
CA ARG B 95 -28.86 -16.81 22.35
C ARG B 95 -28.80 -17.55 21.03
N ILE B 96 -28.29 -16.86 20.01
CA ILE B 96 -28.31 -17.31 18.62
C ILE B 96 -26.89 -17.48 18.10
N PRO B 97 -26.40 -18.72 17.96
CA PRO B 97 -25.04 -18.90 17.44
C PRO B 97 -24.92 -18.40 16.02
N LYS B 98 -23.69 -18.03 15.66
CA LYS B 98 -23.45 -17.32 14.40
C LYS B 98 -23.87 -18.16 13.20
N TYR B 99 -24.33 -17.48 12.15
CA TYR B 99 -24.73 -18.15 10.93
C TYR B 99 -23.52 -18.36 10.04
N PHE B 100 -23.36 -19.57 9.50
CA PHE B 100 -22.12 -19.97 8.85
C PHE B 100 -22.28 -20.15 7.34
N ASN B 101 -23.21 -21.00 6.90
CA ASN B 101 -23.34 -21.33 5.49
C ASN B 101 -24.47 -20.55 4.84
N SER B 102 -24.34 -20.35 3.52
CA SER B 102 -25.23 -19.47 2.77
C SER B 102 -26.66 -19.96 2.69
N ILE B 103 -26.92 -21.24 3.02
CA ILE B 103 -28.29 -21.73 2.95
C ILE B 103 -29.18 -21.02 3.95
N SER B 104 -28.61 -20.52 5.05
CA SER B 104 -29.40 -19.84 6.06
C SER B 104 -30.00 -18.53 5.56
N LEU B 105 -29.40 -17.92 4.55
CA LEU B 105 -29.95 -16.69 3.99
C LEU B 105 -31.35 -16.92 3.45
N ASN B 106 -32.21 -15.92 3.65
CA ASN B 106 -33.61 -15.95 3.20
C ASN B 106 -34.36 -17.20 3.67
N ASN B 107 -33.84 -17.88 4.70
CA ASN B 107 -34.47 -19.06 5.27
C ASN B 107 -35.00 -18.67 6.65
N GLU B 108 -36.31 -18.46 6.75
CA GLU B 108 -36.95 -18.05 7.98
C GLU B 108 -37.61 -19.26 8.62
N TYR B 109 -37.21 -19.58 9.86
CA TYR B 109 -37.67 -20.77 10.53
C TYR B 109 -38.33 -20.40 11.86
N THR B 110 -39.53 -20.93 12.09
CA THR B 110 -40.22 -20.75 13.35
C THR B 110 -39.43 -21.37 14.48
N ILE B 111 -39.31 -20.64 15.59
CA ILE B 111 -38.75 -21.19 16.81
C ILE B 111 -39.78 -21.28 17.93
N ILE B 112 -40.80 -20.41 17.93
CA ILE B 112 -41.91 -20.51 18.86
C ILE B 112 -43.19 -20.37 18.05
N ASN B 113 -44.06 -21.37 18.11
CA ASN B 113 -45.26 -21.40 17.29
C ASN B 113 -46.50 -21.46 18.18
N CYS B 114 -47.43 -20.54 17.96
CA CYS B 114 -48.74 -20.57 18.58
C CYS B 114 -49.78 -20.19 17.54
N MET B 115 -49.77 -20.86 16.40
CA MET B 115 -50.80 -20.70 15.38
C MET B 115 -51.60 -21.98 15.22
N GLU B 116 -52.91 -21.83 15.14
CA GLU B 116 -53.81 -22.89 14.69
C GLU B 116 -54.70 -22.30 13.59
N ASN B 117 -54.93 -23.09 12.54
CA ASN B 117 -55.75 -22.67 11.41
C ASN B 117 -55.24 -21.35 10.82
N ASN B 118 -53.92 -21.21 10.78
CA ASN B 118 -53.26 -20.00 10.28
C ASN B 118 -53.72 -18.75 11.04
N SER B 119 -53.91 -18.89 12.34
CA SER B 119 -54.26 -17.77 13.20
C SER B 119 -53.54 -17.94 14.53
N GLY B 120 -52.89 -16.89 14.99
CA GLY B 120 -52.14 -16.94 16.22
C GLY B 120 -50.90 -16.06 16.13
N TRP B 121 -49.87 -16.45 16.88
CA TRP B 121 -48.63 -15.67 16.90
C TRP B 121 -47.42 -16.60 16.90
N LYS B 122 -46.36 -16.16 16.22
CA LYS B 122 -45.12 -16.91 16.17
C LYS B 122 -43.93 -15.99 16.42
N VAL B 123 -42.86 -16.57 16.91
CA VAL B 123 -41.55 -15.92 16.98
C VAL B 123 -40.62 -16.75 16.11
N SER B 124 -40.08 -16.12 15.06
CA SER B 124 -39.22 -16.80 14.12
C SER B 124 -37.90 -16.05 14.01
N LEU B 125 -36.95 -16.67 13.32
CA LEU B 125 -35.63 -16.10 13.12
C LEU B 125 -35.29 -16.09 11.65
N ASN B 126 -34.19 -15.43 11.33
CA ASN B 126 -33.66 -15.35 9.97
C ASN B 126 -32.23 -14.84 10.07
N TYR B 127 -31.57 -14.78 8.93
CA TYR B 127 -30.18 -14.32 8.93
C TYR B 127 -30.12 -12.90 9.47
N GLY B 128 -29.59 -12.76 10.69
CA GLY B 128 -29.56 -11.46 11.33
C GLY B 128 -30.92 -10.85 11.56
N GLU B 129 -31.93 -11.66 11.86
CA GLU B 129 -33.27 -11.13 12.08
C GLU B 129 -33.99 -11.95 13.14
N ILE B 130 -34.71 -11.25 14.02
CA ILE B 130 -35.68 -11.85 14.93
C ILE B 130 -37.03 -11.22 14.63
N ILE B 131 -38.05 -12.05 14.46
CA ILE B 131 -39.32 -11.62 13.89
C ILE B 131 -40.45 -12.07 14.80
N TRP B 132 -41.35 -11.15 15.13
CA TRP B 132 -42.56 -11.48 15.88
C TRP B 132 -43.73 -11.26 14.94
N THR B 133 -44.51 -12.32 14.71
CA THR B 133 -45.51 -12.34 13.65
C THR B 133 -46.88 -12.65 14.24
N LEU B 134 -47.88 -11.88 13.83
CA LEU B 134 -49.26 -12.05 14.26
C LEU B 134 -50.16 -12.24 13.04
N GLN B 135 -51.14 -13.15 13.17
CA GLN B 135 -52.07 -13.42 12.09
C GLN B 135 -53.45 -13.67 12.67
N ASP B 136 -54.47 -13.06 12.10
CA ASP B 136 -55.83 -13.16 12.60
C ASP B 136 -56.57 -14.27 11.87
N THR B 137 -57.87 -14.38 12.13
CA THR B 137 -58.71 -15.35 11.43
C THR B 137 -59.02 -14.92 10.00
N GLN B 138 -58.79 -13.66 9.64
CA GLN B 138 -59.04 -13.17 8.29
C GLN B 138 -57.75 -13.09 7.47
N GLU B 139 -56.69 -13.76 7.91
CA GLU B 139 -55.44 -13.87 7.17
C GLU B 139 -54.81 -12.51 6.88
N ILE B 140 -54.88 -11.60 7.85
CA ILE B 140 -54.13 -10.35 7.80
C ILE B 140 -52.88 -10.56 8.66
N LYS B 141 -51.72 -10.38 8.04
CA LYS B 141 -50.42 -10.79 8.58
C LYS B 141 -49.59 -9.56 8.92
N GLN B 142 -49.03 -9.53 10.14
CA GLN B 142 -48.21 -8.40 10.59
C GLN B 142 -46.91 -8.92 11.20
N ARG B 143 -45.84 -8.18 10.98
CA ARG B 143 -44.52 -8.55 11.50
C ARG B 143 -43.86 -7.34 12.12
N VAL B 144 -43.20 -7.55 13.26
CA VAL B 144 -42.28 -6.59 13.83
C VAL B 144 -40.92 -7.26 13.88
N VAL B 145 -39.91 -6.60 13.34
CA VAL B 145 -38.62 -7.24 13.14
C VAL B 145 -37.55 -6.49 13.92
N PHE B 146 -36.46 -7.20 14.20
CA PHE B 146 -35.26 -6.61 14.75
C PHE B 146 -34.09 -7.21 13.98
N LYS B 147 -33.18 -6.35 13.53
CA LYS B 147 -32.09 -6.76 12.67
C LYS B 147 -30.75 -6.42 13.29
N TYR B 148 -29.79 -7.34 13.15
CA TYR B 148 -28.40 -7.08 13.51
C TYR B 148 -27.51 -7.60 12.39
N SER B 149 -26.39 -6.92 12.19
CA SER B 149 -25.46 -7.26 11.13
C SER B 149 -24.39 -8.20 11.64
N GLN B 150 -24.04 -9.19 10.82
CA GLN B 150 -22.93 -10.08 11.13
C GLN B 150 -21.60 -9.55 10.62
N MET B 151 -21.60 -8.42 9.90
CA MET B 151 -20.37 -7.76 9.47
C MET B 151 -20.13 -6.58 10.40
N ILE B 152 -19.52 -6.86 11.54
CA ILE B 152 -19.25 -5.84 12.55
C ILE B 152 -18.03 -6.27 13.35
N ASN B 153 -17.31 -5.28 13.90
CA ASN B 153 -16.08 -5.56 14.63
C ASN B 153 -16.37 -6.41 15.87
N ILE B 154 -17.30 -5.95 16.71
CA ILE B 154 -17.69 -6.67 17.92
C ILE B 154 -19.20 -6.56 18.06
N SER B 155 -19.88 -7.70 18.01
CA SER B 155 -21.33 -7.74 18.01
C SER B 155 -21.86 -7.94 19.43
N ASP B 156 -22.92 -7.22 19.76
CA ASP B 156 -23.59 -7.36 21.04
C ASP B 156 -24.81 -8.26 20.96
N TYR B 157 -25.01 -8.92 19.82
CA TYR B 157 -26.15 -9.81 19.63
C TYR B 157 -25.80 -11.16 19.02
N ILE B 158 -24.62 -11.31 18.41
CA ILE B 158 -24.22 -12.57 17.82
C ILE B 158 -23.70 -13.49 18.91
N ASN B 159 -24.31 -14.66 19.04
CA ASN B 159 -23.89 -15.72 19.96
C ASN B 159 -23.93 -15.30 21.42
N ARG B 160 -24.52 -14.15 21.72
CA ARG B 160 -24.60 -13.63 23.08
CA ARG B 160 -24.59 -13.65 23.08
C ARG B 160 -26.04 -13.60 23.55
N TRP B 161 -26.23 -13.69 24.85
CA TRP B 161 -27.58 -13.68 25.41
C TRP B 161 -28.20 -12.30 25.22
N ILE B 162 -29.41 -12.28 24.68
CA ILE B 162 -30.16 -11.04 24.49
C ILE B 162 -31.55 -11.22 25.08
N PHE B 163 -32.10 -10.16 25.65
CA PHE B 163 -33.38 -10.21 26.36
C PHE B 163 -34.43 -9.60 25.45
N VAL B 164 -35.19 -10.46 24.78
CA VAL B 164 -36.22 -10.03 23.83
C VAL B 164 -37.55 -10.00 24.57
N THR B 165 -38.19 -8.83 24.58
CA THR B 165 -39.55 -8.74 25.08
C THR B 165 -40.43 -8.12 24.01
N ILE B 166 -41.68 -8.55 23.96
CA ILE B 166 -42.60 -8.12 22.92
C ILE B 166 -43.95 -7.84 23.56
N THR B 167 -44.49 -6.65 23.31
CA THR B 167 -45.77 -6.25 23.85
C THR B 167 -46.75 -5.98 22.72
N ASN B 168 -48.02 -6.26 22.97
CA ASN B 168 -49.08 -6.11 21.98
C ASN B 168 -50.25 -5.39 22.65
N ASN B 169 -50.48 -4.15 22.23
CA ASN B 169 -51.71 -3.44 22.54
C ASN B 169 -52.63 -3.55 21.34
N ARG B 170 -53.82 -4.09 21.54
CA ARG B 170 -54.69 -4.44 20.42
C ARG B 170 -55.30 -3.25 19.73
N LEU B 171 -55.15 -2.04 20.27
CA LEU B 171 -55.74 -0.85 19.67
C LEU B 171 -54.78 -0.08 18.77
N ASN B 172 -53.53 0.09 19.18
CA ASN B 172 -52.62 1.01 18.50
C ASN B 172 -51.47 0.31 17.80
N ASN B 173 -50.64 -0.44 18.53
CA ASN B 173 -49.37 -0.90 17.98
C ASN B 173 -48.94 -2.18 18.68
N SER B 174 -47.95 -2.84 18.09
CA SER B 174 -47.22 -3.94 18.70
C SER B 174 -45.74 -3.62 18.63
N LYS B 175 -45.04 -3.80 19.74
CA LYS B 175 -43.66 -3.34 19.88
C LYS B 175 -42.75 -4.47 20.33
N ILE B 176 -41.49 -4.37 19.93
CA ILE B 176 -40.45 -5.32 20.31
C ILE B 176 -39.26 -4.55 20.86
N TYR B 177 -38.85 -4.92 22.07
CA TYR B 177 -37.72 -4.35 22.79
C TYR B 177 -36.60 -5.38 22.92
N ILE B 178 -35.37 -4.92 22.74
CA ILE B 178 -34.17 -5.75 22.92
C ILE B 178 -33.38 -5.17 24.09
N ASN B 179 -33.10 -6.02 25.07
CA ASN B 179 -32.29 -5.63 26.24
C ASN B 179 -32.90 -4.44 26.97
N GLY B 180 -34.23 -4.43 27.10
CA GLY B 180 -34.90 -3.38 27.82
C GLY B 180 -34.98 -2.05 27.11
N ARG B 181 -34.63 -2.01 25.83
CA ARG B 181 -34.65 -0.79 25.04
C ARG B 181 -35.60 -0.96 23.86
N LEU B 182 -36.43 0.04 23.61
CA LEU B 182 -37.35 -0.03 22.48
C LEU B 182 -36.59 -0.12 21.17
N ILE B 183 -36.99 -1.05 20.31
CA ILE B 183 -36.33 -1.29 19.03
C ILE B 183 -37.28 -1.06 17.87
N ASP B 184 -38.48 -1.64 17.93
CA ASP B 184 -39.37 -1.48 16.79
C ASP B 184 -40.82 -1.52 17.25
N GLN B 185 -41.70 -0.95 16.42
CA GLN B 185 -43.13 -1.03 16.64
C GLN B 185 -43.84 -0.89 15.29
N LYS B 186 -44.99 -1.54 15.17
CA LYS B 186 -45.75 -1.53 13.93
C LYS B 186 -47.24 -1.64 14.24
N PRO B 187 -48.11 -1.17 13.36
CA PRO B 187 -49.54 -1.13 13.68
C PRO B 187 -50.20 -2.49 13.48
N ILE B 188 -51.15 -2.78 14.36
CA ILE B 188 -51.98 -3.98 14.28
C ILE B 188 -53.44 -3.59 14.44
N SER B 189 -53.73 -2.29 14.34
CA SER B 189 -55.09 -1.81 14.57
C SER B 189 -56.07 -2.43 13.60
N ASN B 190 -55.65 -2.68 12.36
CA ASN B 190 -56.50 -3.34 11.38
C ASN B 190 -56.72 -4.81 11.65
N LEU B 191 -55.92 -5.41 12.53
CA LEU B 191 -56.05 -6.84 12.81
C LEU B 191 -57.39 -7.14 13.44
N GLY B 192 -58.00 -8.24 13.03
CA GLY B 192 -59.30 -8.65 13.53
C GLY B 192 -59.18 -9.56 14.73
N ASN B 193 -60.19 -10.41 14.91
CA ASN B 193 -60.15 -11.39 15.98
C ASN B 193 -59.00 -12.35 15.76
N ILE B 194 -58.29 -12.67 16.85
CA ILE B 194 -57.14 -13.55 16.81
C ILE B 194 -57.43 -14.76 17.70
N HIS B 195 -57.25 -15.95 17.13
CA HIS B 195 -57.49 -17.21 17.83
C HIS B 195 -56.19 -18.00 17.81
N ALA B 196 -55.40 -17.87 18.87
CA ALA B 196 -54.13 -18.57 18.95
C ALA B 196 -54.35 -20.03 19.35
N SER B 197 -53.33 -20.85 19.11
CA SER B 197 -53.42 -22.27 19.39
C SER B 197 -53.42 -22.54 20.88
N ASN B 198 -53.89 -23.73 21.25
CA ASN B 198 -53.88 -24.17 22.63
C ASN B 198 -52.53 -24.71 23.08
N ASN B 199 -51.58 -24.89 22.15
CA ASN B 199 -50.29 -25.49 22.44
C ASN B 199 -49.17 -24.55 22.01
N ILE B 200 -48.15 -24.44 22.85
CA ILE B 200 -46.95 -23.68 22.53
C ILE B 200 -45.84 -24.67 22.20
N MET B 201 -45.16 -24.44 21.07
CA MET B 201 -44.27 -25.44 20.48
C MET B 201 -42.88 -24.83 20.31
N PHE B 202 -42.04 -24.94 21.35
CA PHE B 202 -40.65 -24.51 21.26
C PHE B 202 -39.90 -25.53 20.42
N LYS B 203 -39.76 -25.24 19.13
CA LYS B 203 -39.04 -26.12 18.23
C LYS B 203 -38.70 -25.34 16.97
N LEU B 204 -37.69 -25.81 16.26
CA LEU B 204 -37.28 -25.21 15.00
C LEU B 204 -38.04 -25.89 13.87
N ASP B 205 -38.72 -25.10 13.04
CA ASP B 205 -39.55 -25.61 11.96
C ASP B 205 -39.15 -24.93 10.67
N GLY B 206 -38.89 -25.71 9.63
CA GLY B 206 -38.48 -25.17 8.35
C GLY B 206 -37.04 -24.70 8.29
N CYS B 207 -36.22 -25.08 9.26
CA CYS B 207 -34.81 -24.68 9.26
C CYS B 207 -34.04 -25.58 8.30
N ARG B 208 -33.67 -25.04 7.14
CA ARG B 208 -32.97 -25.84 6.14
C ARG B 208 -31.61 -26.28 6.65
N ASP B 209 -30.88 -25.40 7.33
CA ASP B 209 -29.59 -25.75 7.90
C ASP B 209 -29.78 -26.83 8.97
N THR B 210 -28.99 -27.89 8.89
CA THR B 210 -29.21 -29.05 9.76
C THR B 210 -28.69 -28.83 11.17
N HIS B 211 -27.56 -28.13 11.30
CA HIS B 211 -26.87 -28.03 12.59
C HIS B 211 -27.31 -26.83 13.42
N ARG B 212 -28.32 -26.08 12.98
CA ARG B 212 -28.74 -24.89 13.70
C ARG B 212 -29.34 -25.26 15.06
N TYR B 213 -28.95 -24.50 16.08
CA TYR B 213 -29.45 -24.66 17.43
C TYR B 213 -29.58 -23.29 18.08
N ILE B 214 -30.39 -23.22 19.14
CA ILE B 214 -30.60 -21.97 19.86
C ILE B 214 -30.57 -22.25 21.36
N TRP B 215 -30.37 -21.18 22.13
CA TRP B 215 -30.45 -21.25 23.59
C TRP B 215 -31.59 -20.33 24.03
N ILE B 216 -32.47 -20.85 24.89
CA ILE B 216 -33.62 -20.09 25.37
C ILE B 216 -33.75 -20.29 26.87
N LYS B 217 -34.08 -19.22 27.58
CA LYS B 217 -34.28 -19.31 29.02
C LYS B 217 -35.21 -18.20 29.48
N TYR B 218 -35.87 -18.46 30.61
CA TYR B 218 -36.77 -17.49 31.25
C TYR B 218 -37.86 -17.02 30.28
N PHE B 219 -38.69 -17.95 29.84
CA PHE B 219 -39.87 -17.61 29.05
C PHE B 219 -41.00 -17.24 30.00
N ASN B 220 -41.49 -16.02 29.88
CA ASN B 220 -42.59 -15.55 30.71
C ASN B 220 -43.63 -14.86 29.83
N LEU B 221 -44.89 -15.01 30.23
CA LEU B 221 -46.00 -14.42 29.50
C LEU B 221 -46.87 -13.61 30.46
N PHE B 222 -47.40 -12.50 29.96
CA PHE B 222 -48.26 -11.62 30.74
C PHE B 222 -49.49 -11.27 29.93
N ASP B 223 -50.64 -11.17 30.60
CA ASP B 223 -51.90 -10.85 29.95
C ASP B 223 -52.17 -9.35 29.87
N LYS B 224 -51.12 -8.54 29.90
CA LYS B 224 -51.27 -7.10 29.80
C LYS B 224 -50.03 -6.52 29.12
N GLU B 225 -50.19 -5.32 28.57
CA GLU B 225 -49.06 -4.66 27.92
C GLU B 225 -48.01 -4.27 28.95
N LEU B 226 -46.76 -4.20 28.51
CA LEU B 226 -45.65 -3.89 29.38
C LEU B 226 -45.20 -2.45 29.16
N ASN B 227 -45.19 -1.67 30.23
CA ASN B 227 -44.64 -0.33 30.15
C ASN B 227 -43.11 -0.38 30.20
N GLU B 228 -42.48 0.75 29.87
CA GLU B 228 -41.03 0.79 29.83
C GLU B 228 -40.42 0.50 31.20
N LYS B 229 -41.02 1.06 32.26
CA LYS B 229 -40.50 0.83 33.60
C LYS B 229 -40.58 -0.64 33.99
N GLU B 230 -41.70 -1.30 33.67
CA GLU B 230 -41.84 -2.72 33.98
C GLU B 230 -40.80 -3.55 33.22
N ILE B 231 -40.57 -3.21 31.95
CA ILE B 231 -39.58 -3.93 31.16
C ILE B 231 -38.19 -3.75 31.75
N LYS B 232 -37.84 -2.52 32.16
CA LYS B 232 -36.54 -2.29 32.75
C LYS B 232 -36.40 -3.02 34.09
N ASP B 233 -37.47 -3.05 34.89
CA ASP B 233 -37.43 -3.80 36.13
C ASP B 233 -37.23 -5.28 35.87
N LEU B 234 -37.90 -5.83 34.87
CA LEU B 234 -37.70 -7.23 34.51
C LEU B 234 -36.27 -7.49 34.05
N TYR B 235 -35.71 -6.56 33.28
CA TYR B 235 -34.33 -6.72 32.84
C TYR B 235 -33.37 -6.72 34.01
N ASP B 236 -33.55 -5.79 34.95
CA ASP B 236 -32.70 -5.74 36.13
C ASP B 236 -32.84 -7.00 36.97
N ASN B 237 -34.07 -7.49 37.15
CA ASN B 237 -34.30 -8.68 37.95
C ASN B 237 -33.66 -9.91 37.30
N GLN B 238 -33.87 -10.10 36.00
CA GLN B 238 -33.40 -11.30 35.33
C GLN B 238 -31.94 -11.22 34.92
N SER B 239 -31.31 -10.04 35.00
CA SER B 239 -29.90 -9.95 34.63
C SER B 239 -29.02 -10.76 35.56
N ASN B 240 -29.41 -10.92 36.83
CA ASN B 240 -28.61 -11.63 37.83
C ASN B 240 -27.23 -10.98 37.98
N SER B 241 -27.25 -9.73 38.45
CA SER B 241 -26.01 -8.99 38.63
CA SER B 241 -26.01 -8.99 38.63
C SER B 241 -25.13 -9.56 39.73
N GLY B 242 -25.70 -10.36 40.64
CA GLY B 242 -24.94 -10.94 41.73
C GLY B 242 -23.91 -11.96 41.30
N ILE B 243 -23.91 -12.38 40.04
CA ILE B 243 -22.96 -13.35 39.52
C ILE B 243 -22.30 -12.75 38.28
N LEU B 244 -20.97 -12.76 38.24
CA LEU B 244 -20.25 -12.20 37.12
C LEU B 244 -20.47 -13.04 35.86
N LYS B 245 -20.23 -12.42 34.71
CA LYS B 245 -20.53 -13.03 33.42
C LYS B 245 -19.36 -12.84 32.46
N ASP B 246 -19.14 -13.85 31.63
CA ASP B 246 -18.14 -13.78 30.57
C ASP B 246 -18.70 -13.01 29.38
N PHE B 247 -17.99 -13.05 28.25
CA PHE B 247 -18.41 -12.26 27.10
C PHE B 247 -19.76 -12.71 26.57
N TRP B 248 -19.99 -14.03 26.47
CA TRP B 248 -21.23 -14.52 25.90
C TRP B 248 -22.44 -14.26 26.80
N GLY B 249 -22.23 -13.97 28.08
CA GLY B 249 -23.32 -13.75 29.00
C GLY B 249 -23.65 -14.91 29.91
N ASP B 250 -22.86 -15.98 29.87
CA ASP B 250 -23.06 -17.11 30.75
C ASP B 250 -22.50 -16.78 32.13
N TYR B 251 -22.41 -17.79 33.00
CA TYR B 251 -21.86 -17.60 34.33
C TYR B 251 -20.34 -17.74 34.31
N LEU B 252 -19.65 -16.77 34.90
CA LEU B 252 -18.21 -16.83 35.00
C LEU B 252 -17.80 -17.96 35.93
N GLN B 253 -16.71 -18.66 35.60
CA GLN B 253 -16.32 -19.86 36.30
C GLN B 253 -14.86 -19.79 36.74
N TYR B 254 -14.57 -20.44 37.86
CA TYR B 254 -13.21 -20.64 38.31
C TYR B 254 -12.52 -21.73 37.48
N ASP B 255 -11.19 -21.68 37.47
CA ASP B 255 -10.36 -22.74 36.88
C ASP B 255 -10.73 -23.00 35.43
N LYS B 256 -10.94 -21.93 34.66
CA LYS B 256 -11.31 -22.06 33.26
C LYS B 256 -10.56 -20.99 32.46
N PRO B 257 -9.95 -21.35 31.34
CA PRO B 257 -9.13 -20.38 30.59
C PRO B 257 -10.00 -19.36 29.88
N TYR B 258 -9.80 -18.08 30.21
CA TYR B 258 -10.54 -16.99 29.61
C TYR B 258 -9.57 -16.08 28.88
N TYR B 259 -9.86 -15.81 27.61
CA TYR B 259 -9.14 -14.78 26.88
C TYR B 259 -9.62 -13.41 27.36
N MET B 260 -8.80 -12.39 27.12
CA MET B 260 -9.09 -11.04 27.58
C MET B 260 -9.53 -10.13 26.46
N LEU B 261 -10.47 -9.24 26.78
CA LEU B 261 -10.89 -8.18 25.88
C LEU B 261 -11.03 -6.88 26.67
N ASN B 262 -10.55 -5.79 26.10
CA ASN B 262 -10.69 -4.47 26.71
C ASN B 262 -11.71 -3.67 25.91
N LEU B 263 -12.77 -3.21 26.58
CA LEU B 263 -13.89 -2.61 25.88
C LEU B 263 -13.55 -1.23 25.30
N TYR B 264 -12.71 -0.46 25.99
CA TYR B 264 -12.33 0.86 25.47
C TYR B 264 -11.62 0.75 24.13
N ASP B 265 -10.72 -0.22 23.99
CA ASP B 265 -9.98 -0.45 22.76
C ASP B 265 -10.22 -1.89 22.32
N PRO B 266 -11.28 -2.14 21.56
CA PRO B 266 -11.58 -3.52 21.14
C PRO B 266 -10.64 -4.05 20.08
N ASN B 267 -9.72 -3.24 19.57
CA ASN B 267 -8.80 -3.65 18.50
C ASN B 267 -7.39 -3.87 19.03
N LYS B 268 -7.26 -4.42 20.24
CA LYS B 268 -5.95 -4.59 20.85
C LYS B 268 -6.05 -5.64 21.94
N TYR B 269 -5.06 -6.53 21.99
CA TYR B 269 -5.11 -7.70 22.87
C TYR B 269 -3.90 -7.76 23.79
N VAL B 270 -4.09 -8.45 24.90
CA VAL B 270 -3.11 -8.52 25.98
C VAL B 270 -1.95 -9.43 25.57
N ASP B 271 -0.75 -9.10 26.02
CA ASP B 271 0.43 -9.92 25.79
C ASP B 271 1.40 -9.69 26.94
N VAL B 272 2.29 -10.64 27.15
CA VAL B 272 3.24 -10.60 28.26
C VAL B 272 4.65 -10.60 27.70
N ASN B 273 5.59 -10.02 28.45
CA ASN B 273 6.98 -9.94 28.02
C ASN B 273 7.89 -10.08 29.22
N ASN B 274 8.90 -10.94 29.05
CA ASN B 274 9.97 -11.13 30.04
C ASN B 274 9.41 -11.58 31.40
N VAL B 275 8.80 -12.76 31.40
CA VAL B 275 8.19 -13.28 32.62
C VAL B 275 9.17 -13.17 33.79
N GLY B 276 8.66 -12.74 34.93
CA GLY B 276 9.50 -12.44 36.08
C GLY B 276 9.11 -11.13 36.72
N ILE B 277 9.81 -10.75 37.81
CA ILE B 277 9.47 -9.53 38.52
C ILE B 277 9.73 -8.29 37.65
N ARG B 278 10.76 -8.34 36.82
CA ARG B 278 11.09 -7.20 35.97
C ARG B 278 10.28 -7.17 34.68
N GLY B 279 9.41 -8.16 34.45
CA GLY B 279 8.64 -8.21 33.24
C GLY B 279 7.39 -7.37 33.28
N TYR B 280 6.66 -7.38 32.17
CA TYR B 280 5.48 -6.54 32.09
C TYR B 280 4.54 -7.09 31.02
N MET B 281 3.25 -6.85 31.21
CA MET B 281 2.28 -7.16 30.18
C MET B 281 1.77 -5.88 29.56
N TYR B 282 1.66 -5.89 28.24
CA TYR B 282 1.18 -4.73 27.48
C TYR B 282 0.05 -5.17 26.55
N LEU B 283 -0.37 -4.28 25.66
CA LEU B 283 -1.42 -4.59 24.71
C LEU B 283 -0.98 -4.20 23.33
N LYS B 284 -1.14 -5.11 22.37
CA LYS B 284 -0.74 -4.88 20.99
C LYS B 284 -1.91 -5.17 20.07
N GLY B 285 -1.99 -4.41 18.99
CA GLY B 285 -3.08 -4.54 18.05
C GLY B 285 -2.61 -4.49 16.61
N PRO B 286 -3.52 -4.74 15.66
CA PRO B 286 -4.94 -5.05 15.85
C PRO B 286 -5.19 -6.50 16.23
N ARG B 287 -6.42 -6.84 16.65
CA ARG B 287 -6.73 -8.21 17.00
C ARG B 287 -6.63 -9.13 15.79
N GLY B 288 -7.14 -8.68 14.64
CA GLY B 288 -7.17 -9.51 13.46
C GLY B 288 -8.55 -9.53 12.83
N SER B 289 -8.86 -10.59 12.10
CA SER B 289 -10.17 -10.69 11.48
C SER B 289 -10.50 -12.15 11.21
N VAL B 290 -11.79 -12.46 11.29
CA VAL B 290 -12.34 -13.76 10.89
C VAL B 290 -13.45 -13.48 9.89
N MET B 291 -13.34 -14.09 8.71
CA MET B 291 -14.19 -13.71 7.59
C MET B 291 -14.66 -14.92 6.81
N THR B 292 -15.95 -14.96 6.50
CA THR B 292 -16.51 -15.86 5.50
C THR B 292 -17.27 -14.98 4.51
N THR B 293 -16.87 -15.05 3.25
CA THR B 293 -17.38 -14.12 2.24
C THR B 293 -18.89 -14.24 2.09
N ASN B 294 -19.56 -13.10 2.00
CA ASN B 294 -21.00 -12.98 1.84
C ASN B 294 -21.77 -13.52 3.04
N ILE B 295 -21.10 -13.82 4.14
CA ILE B 295 -21.80 -14.30 5.34
C ILE B 295 -21.44 -13.42 6.53
N TYR B 296 -20.17 -13.35 6.88
CA TYR B 296 -19.81 -12.56 8.06
C TYR B 296 -18.37 -12.11 8.00
N LEU B 297 -18.05 -11.09 8.80
CA LEU B 297 -16.70 -10.58 8.94
C LEU B 297 -16.61 -9.88 10.28
N ASN B 298 -15.90 -10.48 11.23
CA ASN B 298 -15.79 -9.94 12.58
C ASN B 298 -14.32 -9.85 12.97
N SER B 299 -14.07 -9.24 14.13
CA SER B 299 -12.72 -9.18 14.69
C SER B 299 -12.44 -10.44 15.48
N SER B 300 -11.25 -11.01 15.28
CA SER B 300 -10.88 -12.23 15.97
C SER B 300 -10.86 -12.01 17.47
N LEU B 301 -11.43 -12.97 18.21
CA LEU B 301 -11.52 -12.88 19.65
C LEU B 301 -10.51 -13.75 20.39
N TYR B 302 -10.16 -14.91 19.84
CA TYR B 302 -9.27 -15.85 20.52
C TYR B 302 -7.82 -15.43 20.31
N ARG B 303 -7.46 -14.32 20.93
CA ARG B 303 -6.09 -13.80 20.90
C ARG B 303 -5.69 -13.36 22.30
N GLY B 304 -4.38 -13.26 22.51
CA GLY B 304 -3.85 -12.77 23.75
C GLY B 304 -3.59 -13.86 24.76
N THR B 305 -2.86 -13.49 25.82
CA THR B 305 -2.54 -14.43 26.87
C THR B 305 -3.78 -14.78 27.67
N LYS B 306 -4.01 -16.07 27.85
CA LYS B 306 -5.22 -16.53 28.54
C LYS B 306 -5.11 -16.29 30.03
N PHE B 307 -6.22 -15.89 30.64
CA PHE B 307 -6.32 -15.70 32.08
C PHE B 307 -7.15 -16.82 32.70
N ILE B 308 -6.81 -17.15 33.94
CA ILE B 308 -7.53 -18.15 34.72
C ILE B 308 -7.79 -17.56 36.09
N ILE B 309 -8.98 -17.80 36.64
CA ILE B 309 -9.34 -17.30 37.96
C ILE B 309 -9.26 -18.46 38.94
N LYS B 310 -8.51 -18.27 40.02
CA LYS B 310 -8.30 -19.30 41.02
C LYS B 310 -8.86 -18.84 42.37
N LYS B 311 -9.42 -19.78 43.11
CA LYS B 311 -10.04 -19.48 44.40
C LYS B 311 -8.99 -19.00 45.41
N TYR B 312 -9.48 -18.37 46.46
CA TYR B 312 -8.61 -17.93 47.56
C TYR B 312 -8.67 -18.93 48.71
N ASN B 316 -17.89 -21.19 49.26
CA ASN B 316 -18.67 -21.83 48.22
C ASN B 316 -17.87 -22.94 47.54
N LYS B 317 -18.42 -24.15 47.54
CA LYS B 317 -17.73 -25.29 46.96
C LYS B 317 -17.89 -25.37 45.44
N ASP B 318 -18.85 -24.64 44.87
CA ASP B 318 -19.03 -24.64 43.43
C ASP B 318 -17.97 -23.75 42.77
N ASN B 319 -17.82 -23.92 41.45
CA ASN B 319 -16.86 -23.15 40.68
C ASN B 319 -17.48 -21.93 40.00
N ILE B 320 -18.53 -21.36 40.59
CA ILE B 320 -19.15 -20.14 40.09
C ILE B 320 -18.66 -18.97 40.92
N VAL B 321 -18.13 -17.95 40.27
CA VAL B 321 -17.59 -16.78 40.96
C VAL B 321 -18.67 -15.71 41.04
N ARG B 322 -18.99 -15.30 42.26
CA ARG B 322 -20.01 -14.30 42.53
C ARG B 322 -19.36 -12.97 42.87
N ASN B 323 -20.19 -11.98 43.15
CA ASN B 323 -19.68 -10.66 43.47
C ASN B 323 -19.03 -10.65 44.86
N ASN B 324 -18.15 -9.68 45.07
CA ASN B 324 -17.42 -9.52 46.33
C ASN B 324 -16.63 -10.78 46.67
N ASP B 325 -15.91 -11.30 45.68
CA ASP B 325 -15.09 -12.50 45.84
C ASP B 325 -13.62 -12.15 45.66
N ARG B 326 -12.79 -12.60 46.59
CA ARG B 326 -11.34 -12.42 46.51
C ARG B 326 -10.73 -13.67 45.89
N VAL B 327 -9.89 -13.47 44.86
CA VAL B 327 -9.36 -14.54 44.05
C VAL B 327 -7.91 -14.22 43.70
N TYR B 328 -7.29 -15.15 42.99
CA TYR B 328 -6.02 -14.94 42.31
C TYR B 328 -6.23 -15.04 40.81
N ILE B 329 -5.37 -14.35 40.05
CA ILE B 329 -5.39 -14.40 38.60
C ILE B 329 -4.11 -15.05 38.12
N ASN B 330 -4.23 -16.02 37.22
CA ASN B 330 -3.08 -16.68 36.60
C ASN B 330 -3.07 -16.36 35.11
N VAL B 331 -1.89 -16.06 34.59
CA VAL B 331 -1.68 -15.89 33.16
C VAL B 331 -1.03 -17.16 32.64
N VAL B 332 -1.54 -17.67 31.51
CA VAL B 332 -1.02 -18.90 30.93
C VAL B 332 -0.10 -18.51 29.77
N VAL B 333 1.19 -18.74 29.94
CA VAL B 333 2.20 -18.44 28.93
C VAL B 333 2.99 -19.71 28.67
N LYS B 334 3.00 -20.16 27.41
CA LYS B 334 3.70 -21.38 27.02
C LYS B 334 3.26 -22.57 27.87
N ASN B 335 1.94 -22.66 28.09
CA ASN B 335 1.32 -23.71 28.90
C ASN B 335 1.86 -23.76 30.33
N LYS B 336 2.45 -22.66 30.81
CA LYS B 336 2.89 -22.54 32.18
C LYS B 336 2.13 -21.40 32.85
N GLU B 337 1.70 -21.64 34.08
CA GLU B 337 0.85 -20.69 34.79
C GLU B 337 1.71 -19.78 35.67
N TYR B 338 1.58 -18.48 35.47
CA TYR B 338 2.20 -17.47 36.32
C TYR B 338 1.12 -16.75 37.11
N ARG B 339 1.49 -16.26 38.29
CA ARG B 339 0.58 -15.47 39.10
C ARG B 339 0.63 -14.01 38.70
N LEU B 340 -0.53 -13.36 38.71
CA LEU B 340 -0.62 -11.94 38.45
C LEU B 340 -0.36 -11.18 39.75
N ALA B 341 0.58 -10.25 39.73
CA ALA B 341 0.93 -9.55 40.96
C ALA B 341 1.68 -8.27 40.62
N THR B 342 1.91 -7.45 41.65
CA THR B 342 2.54 -6.16 41.46
C THR B 342 3.11 -5.71 42.80
N ASN B 343 4.10 -4.81 42.75
CA ASN B 343 4.65 -4.17 43.92
C ASN B 343 4.13 -2.74 44.02
N ALA B 344 3.69 -2.34 45.20
CA ALA B 344 3.13 -1.02 45.44
C ALA B 344 4.19 0.01 45.84
N SER B 345 5.47 -0.36 45.84
CA SER B 345 6.53 0.58 46.19
C SER B 345 7.03 1.40 45.01
N GLN B 346 6.58 1.09 43.79
CA GLN B 346 7.03 1.83 42.62
C GLN B 346 6.48 3.25 42.62
N ALA B 347 7.14 4.12 41.85
CA ALA B 347 6.75 5.51 41.79
C ALA B 347 5.44 5.69 41.03
N GLY B 348 4.74 6.77 41.37
CA GLY B 348 3.49 7.11 40.71
C GLY B 348 2.30 6.37 41.30
N VAL B 349 1.11 6.78 40.85
CA VAL B 349 -0.10 6.07 41.26
C VAL B 349 -0.18 4.71 40.57
N GLU B 350 0.24 4.64 39.31
CA GLU B 350 0.24 3.38 38.60
C GLU B 350 1.17 2.39 39.28
N LYS B 351 0.76 1.13 39.32
CA LYS B 351 1.58 0.03 39.81
C LYS B 351 1.62 -1.00 38.68
N ILE B 352 2.58 -0.84 37.78
CA ILE B 352 2.61 -1.61 36.55
C ILE B 352 2.57 -3.10 36.87
N LEU B 353 1.61 -3.80 36.28
CA LEU B 353 1.38 -5.20 36.66
C LEU B 353 2.47 -6.10 36.11
N SER B 354 2.57 -7.29 36.69
CA SER B 354 3.64 -8.21 36.33
C SER B 354 3.21 -9.65 36.60
N ALA B 355 3.92 -10.58 35.96
CA ALA B 355 3.69 -12.00 36.11
C ALA B 355 4.87 -12.62 36.87
N LEU B 356 4.57 -13.45 37.86
CA LEU B 356 5.57 -14.08 38.69
C LEU B 356 5.40 -15.59 38.63
N GLU B 357 6.47 -16.31 38.95
CA GLU B 357 6.42 -17.77 38.95
C GLU B 357 5.39 -18.29 39.94
N LEU B 364 3.74 -10.63 47.87
CA LEU B 364 3.55 -9.44 47.03
C LEU B 364 2.06 -9.14 46.88
N SER B 365 1.75 -7.98 46.33
CA SER B 365 0.35 -7.61 46.09
C SER B 365 -0.19 -8.43 44.93
N GLN B 366 -1.04 -9.41 45.23
CA GLN B 366 -1.61 -10.29 44.22
C GLN B 366 -3.11 -10.49 44.34
N VAL B 367 -3.70 -10.28 45.51
CA VAL B 367 -5.12 -10.58 45.70
C VAL B 367 -5.97 -9.67 44.83
N VAL B 368 -6.96 -10.24 44.17
CA VAL B 368 -7.83 -9.51 43.26
C VAL B 368 -9.28 -9.70 43.69
N VAL B 369 -9.98 -8.60 43.93
CA VAL B 369 -11.39 -8.66 44.26
C VAL B 369 -12.19 -8.45 42.98
N MET B 370 -13.18 -9.31 42.76
CA MET B 370 -14.01 -9.25 41.56
C MET B 370 -15.18 -8.32 41.81
N LYS B 371 -15.31 -7.28 40.99
CA LYS B 371 -16.36 -6.28 41.13
C LYS B 371 -17.28 -6.37 39.92
N SER B 372 -18.57 -6.54 40.18
CA SER B 372 -19.61 -6.55 39.16
C SER B 372 -20.68 -5.49 39.41
N LYS B 373 -21.05 -5.27 40.68
CA LYS B 373 -22.03 -4.26 41.05
C LYS B 373 -21.31 -3.08 41.69
N ASN B 374 -21.66 -1.87 41.24
CA ASN B 374 -21.07 -0.65 41.76
C ASN B 374 -21.71 -0.25 43.08
N ASP B 375 -21.51 1.01 43.48
CA ASP B 375 -21.88 1.51 44.80
C ASP B 375 -23.25 1.01 45.28
N GLN B 376 -24.31 1.34 44.55
CA GLN B 376 -25.65 0.93 44.94
C GLN B 376 -26.28 -0.04 43.95
N GLY B 377 -26.44 0.37 42.69
CA GLY B 377 -27.06 -0.50 41.70
C GLY B 377 -26.35 -0.52 40.36
N ILE B 378 -25.39 0.40 40.18
CA ILE B 378 -24.74 0.53 38.89
C ILE B 378 -23.87 -0.69 38.62
N THR B 379 -23.61 -0.94 37.34
CA THR B 379 -22.77 -2.05 36.91
C THR B 379 -21.99 -1.63 35.67
N ASN B 380 -20.67 -1.80 35.72
CA ASN B 380 -19.81 -1.45 34.59
C ASN B 380 -19.05 -2.67 34.10
N LYS B 381 -19.76 -3.78 33.93
CA LYS B 381 -19.20 -5.06 33.47
C LYS B 381 -18.20 -5.61 34.49
N CYS B 382 -17.58 -6.74 34.16
CA CYS B 382 -16.68 -7.40 35.09
C CYS B 382 -15.38 -6.60 35.23
N LYS B 383 -15.01 -6.30 36.48
CA LYS B 383 -13.81 -5.53 36.77
C LYS B 383 -13.03 -6.20 37.88
N MET B 384 -11.72 -5.92 37.92
CA MET B 384 -10.84 -6.47 38.94
C MET B 384 -10.18 -5.36 39.73
N ASN B 385 -10.14 -5.54 41.06
CA ASN B 385 -9.59 -4.57 41.99
C ASN B 385 -8.43 -5.23 42.72
N LEU B 386 -7.21 -4.84 42.36
CA LEU B 386 -6.04 -5.35 43.06
C LEU B 386 -5.95 -4.76 44.45
N GLN B 387 -5.68 -5.61 45.45
CA GLN B 387 -5.48 -5.19 46.82
C GLN B 387 -4.15 -5.75 47.32
N ASP B 388 -3.66 -5.15 48.40
CA ASP B 388 -2.44 -5.64 49.03
C ASP B 388 -2.76 -6.79 49.97
N ASN B 389 -1.72 -7.32 50.62
CA ASN B 389 -1.92 -8.41 51.58
C ASN B 389 -2.66 -7.95 52.83
N ASN B 390 -2.64 -6.65 53.13
CA ASN B 390 -3.26 -6.12 54.34
C ASN B 390 -4.64 -5.53 54.08
N GLY B 391 -5.16 -5.65 52.86
CA GLY B 391 -6.49 -5.18 52.54
C GLY B 391 -6.57 -3.79 51.95
N ASN B 392 -5.47 -3.06 51.86
CA ASN B 392 -5.49 -1.76 51.22
C ASN B 392 -5.77 -1.90 49.73
N ASP B 393 -6.50 -0.94 49.18
CA ASP B 393 -6.95 -1.01 47.79
C ASP B 393 -5.86 -0.44 46.89
N ILE B 394 -5.13 -1.31 46.19
CA ILE B 394 -4.17 -0.86 45.20
C ILE B 394 -4.89 -0.17 44.04
N GLY B 395 -5.98 -0.78 43.57
CA GLY B 395 -6.81 -0.10 42.58
C GLY B 395 -7.34 -0.98 41.47
N PHE B 396 -8.15 -0.40 40.58
CA PHE B 396 -8.74 -1.16 39.50
C PHE B 396 -7.71 -1.43 38.41
N ILE B 397 -7.83 -2.60 37.78
CA ILE B 397 -6.86 -3.05 36.78
C ILE B 397 -7.29 -2.55 35.41
N GLY B 398 -6.44 -1.73 34.79
CA GLY B 398 -6.67 -1.24 33.45
C GLY B 398 -5.36 -1.11 32.72
N PHE B 399 -5.30 -0.30 31.66
CA PHE B 399 -4.06 -0.10 30.94
C PHE B 399 -3.68 1.38 30.95
N HIS B 400 -2.37 1.64 30.99
CA HIS B 400 -1.84 2.99 30.98
C HIS B 400 -0.73 3.08 29.94
N GLN B 401 -0.64 4.24 29.30
CA GLN B 401 0.38 4.45 28.26
C GLN B 401 1.73 4.84 28.85
N PHE B 402 2.21 4.04 29.79
CA PHE B 402 3.53 4.26 30.37
C PHE B 402 4.58 3.98 29.30
N ASN B 403 5.17 5.05 28.75
CA ASN B 403 6.05 4.99 27.59
C ASN B 403 5.22 4.54 26.39
N ASN B 404 5.86 4.26 25.26
CA ASN B 404 5.16 3.88 24.03
C ASN B 404 4.54 2.50 24.08
N ILE B 405 4.56 1.81 25.22
CA ILE B 405 3.94 0.51 25.38
C ILE B 405 2.86 0.63 26.45
N ALA B 406 1.65 0.21 26.10
CA ALA B 406 0.50 0.36 27.00
C ALA B 406 0.54 -0.77 28.03
N LYS B 407 1.17 -0.50 29.16
CA LYS B 407 1.35 -1.52 30.18
C LYS B 407 0.12 -1.61 31.08
N LEU B 408 -0.12 -2.81 31.59
CA LEU B 408 -1.22 -3.00 32.53
C LEU B 408 -0.87 -2.40 33.88
N VAL B 409 -1.81 -1.63 34.44
CA VAL B 409 -1.62 -0.92 35.70
C VAL B 409 -2.81 -1.19 36.60
N ALA B 410 -2.60 -0.95 37.90
CA ALA B 410 -3.65 -1.05 38.90
C ALA B 410 -3.78 0.36 39.51
N SER B 411 -4.62 1.17 38.89
CA SER B 411 -4.70 2.57 39.24
C SER B 411 -5.86 2.84 40.20
N ASN B 412 -5.67 3.84 41.07
CA ASN B 412 -6.75 4.35 41.88
C ASN B 412 -7.50 5.50 41.22
N TRP B 413 -7.00 5.98 40.08
CA TRP B 413 -7.77 6.93 39.28
C TRP B 413 -9.04 6.31 38.75
N TYR B 414 -8.95 5.06 38.28
CA TYR B 414 -10.15 4.34 37.86
C TYR B 414 -11.09 4.12 39.03
N ASN B 415 -10.54 3.85 40.21
CA ASN B 415 -11.36 3.66 41.40
C ASN B 415 -12.13 4.93 41.79
N ARG B 416 -11.73 6.08 41.26
CA ARG B 416 -12.43 7.33 41.51
C ARG B 416 -13.24 7.81 40.30
N GLN B 417 -12.96 7.28 39.12
CA GLN B 417 -13.70 7.68 37.92
C GLN B 417 -15.12 7.12 37.89
N ILE B 418 -15.36 6.00 38.57
CA ILE B 418 -16.64 5.30 38.49
C ILE B 418 -17.72 6.06 39.24
N GLU B 419 -17.36 7.19 39.86
CA GLU B 419 -18.34 7.96 40.62
C GLU B 419 -19.37 8.63 39.73
N ARG B 420 -19.12 8.76 38.44
CA ARG B 420 -20.07 9.34 37.50
C ARG B 420 -20.90 8.30 36.77
N SER B 421 -20.70 7.01 37.05
CA SER B 421 -21.48 5.92 36.47
C SER B 421 -21.41 5.92 34.94
N SER B 422 -20.29 6.37 34.39
CA SER B 422 -20.08 6.42 32.96
C SER B 422 -19.13 5.29 32.54
N ARG B 423 -18.76 5.27 31.27
CA ARG B 423 -17.77 4.32 30.78
C ARG B 423 -16.43 4.63 31.44
N THR B 424 -15.99 3.74 32.33
CA THR B 424 -14.71 3.95 33.01
C THR B 424 -13.53 3.86 32.06
N LEU B 425 -13.72 3.26 30.88
CA LEU B 425 -12.74 3.15 29.80
C LEU B 425 -11.47 2.45 30.29
N GLY B 426 -11.48 2.00 31.54
CA GLY B 426 -10.39 1.31 32.17
C GLY B 426 -10.73 -0.13 32.49
N CYS B 427 -11.15 -0.35 33.74
CA CYS B 427 -11.37 -1.68 34.31
C CYS B 427 -12.47 -2.47 33.60
N SER B 428 -13.06 -1.89 32.54
CA SER B 428 -14.06 -2.61 31.77
C SER B 428 -13.41 -3.71 30.94
N TRP B 429 -13.29 -4.90 31.53
CA TRP B 429 -12.71 -6.07 30.87
C TRP B 429 -13.78 -7.12 30.63
N GLU B 430 -13.67 -7.83 29.51
CA GLU B 430 -14.57 -8.91 29.17
C GLU B 430 -13.80 -10.21 29.01
N PHE B 431 -14.32 -11.26 29.65
CA PHE B 431 -13.74 -12.59 29.60
C PHE B 431 -14.35 -13.35 28.43
N ILE B 432 -13.52 -13.87 27.55
CA ILE B 432 -13.95 -14.59 26.36
C ILE B 432 -13.47 -16.03 26.46
N PRO B 433 -14.31 -16.95 26.89
CA PRO B 433 -13.96 -18.37 26.85
C PRO B 433 -14.13 -18.90 25.43
N VAL B 434 -13.69 -20.14 25.25
CA VAL B 434 -13.86 -20.81 23.96
C VAL B 434 -15.29 -21.32 23.86
N ASP B 435 -15.85 -21.29 22.66
CA ASP B 435 -17.22 -21.70 22.45
C ASP B 435 -17.41 -22.18 21.01
N ASP B 436 -18.32 -23.12 20.83
CA ASP B 436 -18.62 -23.66 19.51
C ASP B 436 -19.57 -22.78 18.71
N GLY B 437 -20.20 -21.79 19.34
CA GLY B 437 -21.11 -20.91 18.67
C GLY B 437 -20.48 -19.71 17.99
N TRP B 438 -19.15 -19.63 17.97
CA TRP B 438 -18.46 -18.51 17.36
C TRP B 438 -17.72 -18.86 16.07
N GLY B 439 -17.27 -20.11 15.93
CA GLY B 439 -16.65 -20.58 14.71
C GLY B 439 -15.14 -20.46 14.63
N GLU B 440 -14.59 -19.35 15.11
CA GLU B 440 -13.14 -19.17 15.11
C GLU B 440 -12.47 -20.26 15.90
N ARG B 441 -11.37 -20.79 15.36
CA ARG B 441 -10.62 -21.78 16.12
C ARG B 441 -9.31 -21.18 16.61
N PRO B 442 -8.90 -21.50 17.84
CA PRO B 442 -7.64 -20.93 18.36
C PRO B 442 -6.44 -21.48 17.63
N LEU B 443 -5.38 -20.69 17.59
CA LEU B 443 -4.15 -21.09 16.93
C LEU B 443 -3.53 -22.31 17.61
C1 NAG C . -14.30 -21.60 -9.41
C2 NAG C . -14.95 -21.51 -10.79
C3 NAG C . -16.35 -22.08 -10.72
C4 NAG C . -16.30 -23.51 -10.20
C5 NAG C . -15.60 -23.53 -8.83
C6 NAG C . -15.42 -24.93 -8.28
C7 NAG C . -14.23 -19.72 -12.28
C8 NAG C . -14.80 -18.65 -13.16
N2 NAG C . -15.01 -20.15 -11.30
O3 NAG C . -16.96 -22.02 -11.99
O4 NAG C . -17.63 -24.00 -10.06
O5 NAG C . -14.29 -22.94 -8.96
O6 NAG C . -14.13 -25.44 -8.57
O7 NAG C . -13.10 -20.17 -12.44
C1 NAG C . -17.92 -25.18 -10.73
C2 NAG C . -19.13 -25.83 -10.06
C3 NAG C . -19.48 -27.12 -10.81
C4 NAG C . -19.71 -26.81 -12.28
C5 NAG C . -18.46 -26.13 -12.86
C6 NAG C . -18.65 -25.68 -14.29
C7 NAG C . -19.03 -25.21 -7.69
C8 NAG C . -18.58 -25.63 -6.33
N2 NAG C . -18.89 -26.12 -8.67
O3 NAG C . -20.64 -27.70 -10.23
O4 NAG C . -19.92 -28.02 -12.99
O5 NAG C . -18.16 -24.94 -12.10
O6 NAG C . -19.74 -24.75 -14.38
O7 NAG C . -19.49 -24.10 -7.92
C1 FUL C . -13.59 -26.16 -7.50
C2 FUL C . -12.40 -25.38 -6.99
O2 FUL C . -12.83 -24.12 -6.46
C3 FUL C . -11.67 -26.17 -5.95
O3 FUL C . -10.52 -25.45 -5.52
C4 FUL C . -11.25 -27.51 -6.51
O4 FUL C . -10.34 -27.31 -7.59
C5 FUL C . -12.47 -28.24 -7.04
C6 FUL C . -12.12 -29.53 -7.73
O5 FUL C . -13.15 -27.41 -8.01
C1 NAG D . -17.41 -23.67 10.05
C2 NAG D . -17.75 -25.03 9.41
C3 NAG D . -19.04 -25.60 10.00
C4 NAG D . -18.99 -25.62 11.51
C5 NAG D . -18.66 -24.22 12.03
C6 NAG D . -18.52 -24.15 13.53
C7 NAG D . -18.76 -24.18 7.32
C8 NAG D . -18.70 -24.22 5.82
N2 NAG D . -17.85 -24.92 7.97
O3 NAG D . -19.24 -26.92 9.50
O4 NAG D . -20.26 -26.05 12.02
O5 NAG D . -17.41 -23.80 11.48
O6 NAG D . -17.19 -23.88 13.93
O7 NAG D . -19.59 -23.50 7.92
C1 NAG D . -20.10 -27.15 12.95
C2 NAG D . -21.37 -27.24 13.78
C3 NAG D . -21.24 -28.37 14.80
C4 NAG D . -20.88 -29.68 14.11
C5 NAG D . -19.66 -29.49 13.19
C6 NAG D . -19.38 -30.71 12.35
C7 NAG D . -22.64 -25.16 14.05
C8 NAG D . -22.80 -23.91 14.85
N2 NAG D . -21.66 -25.98 14.44
O3 NAG D . -22.46 -28.49 15.52
O4 NAG D . -20.55 -30.67 15.07
O5 NAG D . -19.88 -28.40 12.27
O6 NAG D . -20.56 -31.22 11.73
O7 NAG D . -23.35 -25.42 13.09
C1 BMA D . -21.69 -31.49 15.40
C2 BMA D . -21.73 -32.70 14.43
C3 BMA D . -22.77 -33.72 14.89
C4 BMA D . -22.64 -34.03 16.38
C5 BMA D . -22.71 -32.74 17.18
C6 BMA D . -22.61 -32.95 18.68
O2 BMA D . -20.48 -33.37 14.41
O3 BMA D . -22.70 -34.92 14.12
O4 BMA D . -23.67 -34.91 16.79
O5 BMA D . -21.61 -31.92 16.77
O6 BMA D . -21.36 -33.58 18.96
C1 MAN D . -21.51 -34.40 20.14
C2 MAN D . -21.59 -33.45 21.37
C3 MAN D . -20.24 -32.79 21.62
C4 MAN D . -19.11 -33.82 21.66
C5 MAN D . -19.13 -34.67 20.38
C6 MAN D . -18.09 -35.78 20.39
O2 MAN D . -21.89 -34.18 22.56
O3 MAN D . -20.25 -32.00 22.81
O4 MAN D . -17.86 -33.16 21.78
O5 MAN D . -20.42 -35.29 20.26
O6 MAN D . -18.13 -36.43 19.14
C1 FUC D . -16.60 -25.11 14.39
C2 FUC D . -15.17 -25.18 13.81
C3 FUC D . -14.21 -25.94 14.73
C4 FUC D . -14.95 -27.01 15.55
C5 FUC D . -16.04 -26.34 16.41
C6 FUC D . -17.23 -27.26 16.69
O2 FUC D . -14.66 -23.88 13.53
O3 FUC D . -13.21 -26.59 13.96
O4 FUC D . -15.50 -28.01 14.70
O5 FUC D . -16.58 -25.15 15.80
C1 NAG E . 13.53 -26.97 6.32
C2 NAG E . 14.26 -25.76 6.91
C3 NAG E . 15.16 -26.21 8.05
C4 NAG E . 14.38 -27.02 9.07
C5 NAG E . 13.58 -28.14 8.39
C6 NAG E . 12.66 -28.88 9.34
C7 NAG E . 15.41 -23.79 6.02
C8 NAG E . 16.19 -23.22 4.87
N2 NAG E . 15.02 -25.06 5.88
O3 NAG E . 15.73 -25.08 8.69
O4 NAG E . 15.27 -27.61 10.01
O5 NAG E . 12.76 -27.60 7.33
O6 NAG E . 11.97 -27.98 10.20
O7 NAG E . 15.14 -23.12 7.01
#